data_3P1U
#
_entry.id   3P1U
#
_cell.length_a   130.242
_cell.length_b   130.242
_cell.length_c   114.822
_cell.angle_alpha   90.000
_cell.angle_beta   90.000
_cell.angle_gamma   120.000
#
_symmetry.space_group_name_H-M   'P 6'
#
loop_
_entity.id
_entity.type
_entity.pdbx_description
1 polymer 'SusD homolog'
2 non-polymer 'SULFATE ION'
3 water water
#
_entity_poly.entity_id   1
_entity_poly.type   'polypeptide(L)'
_entity_poly.pdbx_seq_one_letter_code
;GNENPDKPTDDVNYN(MSE)NEPRLASTLRGGLIIEGNVEQRLKPLQIDFYSQ(MSE)TVDGGGWGTKNYIQDDEWNNLV
WEEYLKQIASINIVIRSLTEKDKDAYANTIAFARIWRVYVHTLAADKFGP(MSE)PFPAYEIVEANPPYKSLKDIYDEYF
RELDAAINGFNDSAQPIFSDAGIDLIYKNDVSKWKRFANSLRLRLAVRLTEVDQEKCIAEANAAISSPAGLISDKADNAY
(MSE)PPKADGSWGQDYNYT(MSE)FQITWSGPIC(MSE)SKSVEKLVTNIGGVAWPQGVVNQTSGVAVSSVHPEKVDPR
APKIFQPGIENGDWKGLVYGPKAEEANTGIYQSKQCAELGFIIKDGYPYKSRPYDLFLSEEVHFLKAELYARGFIAGDAK
SEYEAGVRASFATWGVTSEVDDYLTSTEKNEAGTSARYDDQQGAGNTALEKIITQKYIAGIPDLAQEGWNDKRRLNLPRL
DVAVYRDQAVYNNNDKDILKSANFIKR(MSE)RYPTKESLINATEYEKGKS(MSE)LGGKGDIVSTPLWWDKNSNYCTSS
K
;
_entity_poly.pdbx_strand_id   A,B
#
# COMPACT_ATOMS: atom_id res chain seq x y z
N ASN A 15 6.64 -1.65 20.65
CA ASN A 15 8.02 -1.35 21.00
C ASN A 15 8.94 -2.54 20.75
N ASN A 17 9.23 -5.07 18.77
CA ASN A 17 8.88 -5.67 17.48
C ASN A 17 10.01 -6.56 16.96
N GLU A 18 11.27 -6.30 17.43
CA GLU A 18 12.45 -7.03 16.99
C GLU A 18 12.37 -8.56 17.32
N PRO A 19 12.00 -8.96 18.58
CA PRO A 19 11.92 -10.40 18.88
C PRO A 19 10.84 -11.11 18.05
N ARG A 20 9.75 -10.37 17.68
CA ARG A 20 8.67 -10.94 16.89
CA ARG A 20 8.66 -10.94 16.89
C ARG A 20 9.12 -11.17 15.44
N LEU A 21 9.76 -10.16 14.82
CA LEU A 21 10.26 -10.25 13.45
C LEU A 21 11.42 -11.26 13.33
N ALA A 22 12.22 -11.43 14.41
CA ALA A 22 13.35 -12.37 14.41
C ALA A 22 12.86 -13.84 14.39
N SER A 23 11.70 -14.12 15.03
CA SER A 23 11.14 -15.47 15.06
C SER A 23 10.56 -15.89 13.68
N THR A 24 10.19 -14.91 12.83
CA THR A 24 9.63 -15.20 11.50
C THR A 24 10.70 -15.65 10.49
N LEU A 25 12.00 -15.42 10.81
CA LEU A 25 13.10 -15.86 9.95
C LEU A 25 13.09 -17.38 9.77
N ARG A 26 13.31 -18.14 10.86
CA ARG A 26 13.22 -19.60 10.81
C ARG A 26 11.75 -20.06 10.76
N GLY A 27 10.88 -19.30 11.43
CA GLY A 27 9.46 -19.62 11.50
C GLY A 27 8.75 -19.65 10.17
N GLY A 28 8.92 -18.57 9.40
CA GLY A 28 8.30 -18.42 8.07
C GLY A 28 8.75 -19.49 7.08
N LEU A 29 10.02 -19.91 7.17
CA LEU A 29 10.57 -20.96 6.30
C LEU A 29 10.09 -22.36 6.76
N ILE A 30 9.68 -22.48 8.04
CA ILE A 30 9.21 -23.77 8.63
C ILE A 30 10.32 -24.86 8.59
N ILE A 31 11.28 -24.75 9.51
CA ILE A 31 12.36 -25.75 9.64
C ILE A 31 12.41 -26.30 11.09
N GLU A 32 11.23 -26.55 11.68
CA GLU A 32 11.11 -27.04 13.07
C GLU A 32 10.97 -28.58 13.14
N GLY A 33 11.22 -29.27 12.02
CA GLY A 33 11.26 -30.73 11.95
C GLY A 33 9.93 -31.44 12.13
N ASN A 34 8.85 -30.67 12.29
CA ASN A 34 7.51 -31.24 12.52
C ASN A 34 6.60 -30.95 11.34
N VAL A 35 6.13 -29.69 11.21
CA VAL A 35 5.35 -29.26 10.04
C VAL A 35 6.27 -29.27 8.80
N GLU A 36 7.60 -29.08 9.03
CA GLU A 36 8.60 -29.17 7.97
C GLU A 36 8.57 -30.54 7.29
N GLN A 37 8.55 -31.64 8.09
CA GLN A 37 8.52 -33.01 7.56
C GLN A 37 7.28 -33.22 6.70
N ARG A 38 6.16 -32.64 7.11
CA ARG A 38 4.86 -32.86 6.46
C ARG A 38 4.63 -31.99 5.21
N LEU A 39 5.56 -31.07 4.89
CA LEU A 39 5.45 -30.27 3.66
C LEU A 39 6.66 -30.45 2.75
N LYS A 40 7.86 -30.72 3.32
CA LYS A 40 9.08 -30.83 2.53
C LYS A 40 9.36 -32.31 2.08
N PRO A 41 9.95 -33.19 2.94
CA PRO A 41 10.25 -34.56 2.47
C PRO A 41 9.00 -35.36 2.09
N LEU A 42 7.91 -35.20 2.83
CA LEU A 42 6.72 -36.02 2.62
C LEU A 42 5.69 -35.38 1.68
N GLN A 43 6.03 -34.23 1.05
CA GLN A 43 5.16 -33.63 0.03
C GLN A 43 5.93 -33.08 -1.18
N ILE A 44 6.42 -31.81 -1.12
CA ILE A 44 7.07 -31.15 -2.29
C ILE A 44 8.35 -31.87 -2.78
N ASP A 45 9.00 -32.68 -1.90
CA ASP A 45 10.11 -33.54 -2.32
C ASP A 45 9.59 -34.66 -3.22
N PHE A 46 8.43 -35.26 -2.84
CA PHE A 46 7.78 -36.30 -3.65
C PHE A 46 7.29 -35.72 -4.98
N TYR A 47 6.73 -34.50 -4.93
CA TYR A 47 6.13 -33.87 -6.11
C TYR A 47 7.20 -33.51 -7.17
N SER A 48 8.33 -32.93 -6.71
CA SER A 48 9.45 -32.63 -7.61
C SER A 48 10.31 -33.88 -7.85
N GLN A 49 10.16 -34.91 -6.98
CA GLN A 49 10.95 -36.17 -7.03
C GLN A 49 12.45 -35.92 -6.76
N THR A 51 13.79 -35.89 -3.62
CA THR A 51 14.09 -36.97 -2.67
C THR A 51 12.86 -37.84 -2.49
N VAL A 52 13.04 -39.12 -2.16
CA VAL A 52 11.91 -40.03 -1.96
C VAL A 52 12.08 -40.83 -0.67
N ASP A 53 11.41 -40.39 0.41
CA ASP A 53 11.36 -41.14 1.66
C ASP A 53 10.77 -42.52 1.36
N GLY A 54 11.43 -43.57 1.84
CA GLY A 54 11.05 -44.95 1.55
C GLY A 54 9.74 -45.39 2.15
N GLY A 55 9.18 -44.58 3.06
CA GLY A 55 7.94 -44.90 3.76
C GLY A 55 6.72 -44.99 2.86
N GLY A 56 5.67 -45.66 3.35
CA GLY A 56 4.42 -45.83 2.62
C GLY A 56 3.47 -44.68 2.79
N TRP A 57 3.91 -43.46 2.44
CA TRP A 57 3.07 -42.26 2.56
C TRP A 57 2.20 -42.09 1.33
N GLY A 58 0.91 -41.80 1.56
CA GLY A 58 -0.08 -41.66 0.48
C GLY A 58 0.16 -40.46 -0.41
N THR A 59 0.86 -39.42 0.13
CA THR A 59 1.19 -38.21 -0.65
C THR A 59 2.10 -38.54 -1.82
N LYS A 60 2.85 -39.66 -1.72
CA LYS A 60 3.67 -40.18 -2.81
C LYS A 60 2.76 -40.54 -4.02
N ASN A 61 1.54 -40.99 -3.71
CA ASN A 61 0.54 -41.33 -4.74
C ASN A 61 -0.42 -40.14 -4.97
N TYR A 62 0.00 -38.92 -4.52
CA TYR A 62 -0.77 -37.67 -4.66
C TYR A 62 -2.08 -37.66 -3.83
N ILE A 63 -2.23 -38.63 -2.89
CA ILE A 63 -3.38 -38.63 -1.97
C ILE A 63 -3.09 -37.65 -0.84
N GLN A 64 -3.94 -36.63 -0.69
CA GLN A 64 -3.69 -35.55 0.28
C GLN A 64 -3.96 -35.97 1.71
N ASP A 65 -3.09 -35.53 2.64
CA ASP A 65 -3.35 -35.66 4.06
C ASP A 65 -3.85 -34.31 4.57
N ASP A 66 -5.18 -34.19 4.74
CA ASP A 66 -5.81 -32.92 5.12
C ASP A 66 -5.27 -32.37 6.45
N GLU A 67 -4.92 -33.27 7.40
CA GLU A 67 -4.38 -32.86 8.70
C GLU A 67 -3.01 -32.17 8.51
N TRP A 68 -2.19 -32.65 7.54
CA TRP A 68 -0.91 -32.02 7.20
C TRP A 68 -1.13 -30.64 6.56
N ASN A 69 -1.95 -30.60 5.48
CA ASN A 69 -2.22 -29.37 4.71
C ASN A 69 -2.74 -28.26 5.61
N ASN A 70 -3.59 -28.60 6.61
CA ASN A 70 -4.11 -27.60 7.55
C ASN A 70 -2.99 -27.01 8.41
N LEU A 71 -2.07 -27.87 8.92
CA LEU A 71 -0.92 -27.41 9.72
C LEU A 71 -0.03 -26.47 8.90
N VAL A 72 0.24 -26.85 7.64
CA VAL A 72 1.07 -26.05 6.72
C VAL A 72 0.39 -24.70 6.43
N TRP A 73 -0.92 -24.73 6.06
CA TRP A 73 -1.72 -23.54 5.79
C TRP A 73 -1.71 -22.58 6.97
N GLU A 74 -2.04 -23.09 8.18
CA GLU A 74 -2.09 -22.27 9.39
C GLU A 74 -0.74 -21.68 9.77
N GLU A 75 0.36 -22.45 9.57
CA GLU A 75 1.71 -21.98 9.94
C GLU A 75 2.19 -20.81 9.07
N TYR A 76 2.01 -20.90 7.73
CA TYR A 76 2.38 -19.79 6.82
C TYR A 76 1.61 -18.52 7.14
N LEU A 77 0.28 -18.62 7.30
CA LEU A 77 -0.56 -17.46 7.59
C LEU A 77 -0.25 -16.88 8.99
N LYS A 78 0.08 -17.77 9.96
CA LYS A 78 0.51 -17.35 11.31
C LYS A 78 1.79 -16.51 11.21
N GLN A 79 2.75 -16.95 10.37
CA GLN A 79 4.01 -16.25 10.18
C GLN A 79 3.83 -14.92 9.43
N ILE A 80 2.99 -14.92 8.36
CA ILE A 80 2.68 -13.69 7.61
C ILE A 80 2.03 -12.64 8.55
N ALA A 81 1.04 -13.06 9.35
CA ALA A 81 0.36 -12.18 10.31
C ALA A 81 1.36 -11.58 11.30
N SER A 82 2.34 -12.41 11.75
CA SER A 82 3.38 -11.98 12.68
C SER A 82 4.27 -10.88 12.05
N ILE A 83 4.63 -11.04 10.75
CA ILE A 83 5.41 -10.02 10.03
C ILE A 83 4.55 -8.75 9.87
N ASN A 84 3.21 -8.91 9.63
CA ASN A 84 2.28 -7.78 9.49
C ASN A 84 2.16 -6.96 10.78
N ILE A 85 2.26 -7.63 11.98
CA ILE A 85 2.21 -6.92 13.27
C ILE A 85 3.40 -5.96 13.40
N VAL A 86 4.61 -6.44 13.01
CA VAL A 86 5.83 -5.64 13.05
C VAL A 86 5.76 -4.46 12.05
N ILE A 87 5.37 -4.76 10.78
CA ILE A 87 5.28 -3.71 9.73
C ILE A 87 4.29 -2.60 10.13
N ARG A 88 3.09 -2.99 10.63
CA ARG A 88 2.05 -2.02 10.99
C ARG A 88 2.46 -1.13 12.18
N SER A 89 3.09 -1.73 13.21
CA SER A 89 3.49 -0.99 14.41
C SER A 89 4.67 -0.06 14.13
N LEU A 90 5.69 -0.54 13.37
CA LEU A 90 6.87 0.29 13.05
C LEU A 90 6.54 1.45 12.13
N THR A 91 5.66 1.22 11.11
CA THR A 91 5.24 2.30 10.18
C THR A 91 4.50 3.41 10.93
N GLU A 92 3.69 3.03 11.94
CA GLU A 92 2.95 4.00 12.76
C GLU A 92 3.88 4.71 13.75
N LYS A 93 4.79 3.95 14.41
CA LYS A 93 5.73 4.52 15.39
C LYS A 93 6.76 5.43 14.71
N ASP A 94 7.61 4.84 13.84
CA ASP A 94 8.63 5.60 13.10
C ASP A 94 8.97 4.91 11.78
N LYS A 95 8.29 5.28 10.68
CA LYS A 95 8.52 4.69 9.37
C LYS A 95 9.87 5.10 8.80
N ASP A 96 10.29 6.37 9.07
CA ASP A 96 11.57 6.89 8.58
CA ASP A 96 11.57 6.89 8.58
C ASP A 96 12.76 6.33 9.37
N ALA A 97 12.61 6.20 10.71
CA ALA A 97 13.71 5.69 11.57
C ALA A 97 13.90 4.17 11.42
N TYR A 98 12.81 3.42 11.25
CA TYR A 98 12.89 1.96 11.11
C TYR A 98 12.69 1.54 9.64
N ALA A 99 13.15 2.38 8.68
CA ALA A 99 12.96 2.13 7.25
C ALA A 99 13.65 0.83 6.78
N ASN A 100 14.87 0.55 7.29
CA ASN A 100 15.61 -0.67 6.91
C ASN A 100 14.96 -1.95 7.47
N THR A 101 14.31 -1.85 8.65
CA THR A 101 13.60 -2.98 9.26
C THR A 101 12.28 -3.25 8.51
N ILE A 102 11.56 -2.16 8.15
CA ILE A 102 10.31 -2.27 7.39
C ILE A 102 10.58 -2.81 5.98
N ALA A 103 11.63 -2.29 5.30
CA ALA A 103 12.02 -2.76 3.95
C ALA A 103 12.29 -4.27 3.95
N PHE A 104 13.12 -4.74 4.92
CA PHE A 104 13.41 -6.18 5.07
C PHE A 104 12.14 -6.98 5.35
N ALA A 105 11.25 -6.45 6.24
CA ALA A 105 10.02 -7.13 6.62
C ALA A 105 9.08 -7.32 5.44
N ARG A 106 9.05 -6.33 4.52
CA ARG A 106 8.22 -6.41 3.30
C ARG A 106 8.77 -7.48 2.32
N ILE A 107 10.13 -7.66 2.30
CA ILE A 107 10.77 -8.69 1.46
CA ILE A 107 10.79 -8.69 1.46
C ILE A 107 10.48 -10.09 2.00
N TRP A 108 10.67 -10.29 3.33
CA TRP A 108 10.46 -11.59 3.95
C TRP A 108 8.98 -11.98 3.95
N ARG A 109 8.08 -10.97 4.03
CA ARG A 109 6.63 -11.20 3.92
C ARG A 109 6.27 -11.73 2.53
N VAL A 110 6.93 -11.20 1.49
CA VAL A 110 6.73 -11.67 0.12
C VAL A 110 7.25 -13.11 -0.03
N TYR A 111 8.51 -13.37 0.39
CA TYR A 111 9.15 -14.69 0.25
C TYR A 111 8.36 -15.80 0.94
N VAL A 112 7.97 -15.58 2.23
CA VAL A 112 7.22 -16.60 2.99
C VAL A 112 5.87 -16.92 2.31
N HIS A 113 5.16 -15.88 1.79
CA HIS A 113 3.87 -16.09 1.13
C HIS A 113 3.99 -16.87 -0.19
N THR A 114 5.14 -16.72 -0.93
CA THR A 114 5.37 -17.48 -2.17
C THR A 114 5.34 -18.97 -1.89
N LEU A 115 5.95 -19.39 -0.75
CA LEU A 115 6.01 -20.81 -0.35
C LEU A 115 4.61 -21.36 -0.09
N ALA A 116 3.67 -20.50 0.34
CA ALA A 116 2.29 -20.91 0.57
C ALA A 116 1.47 -20.87 -0.73
N ALA A 117 1.57 -19.74 -1.49
CA ALA A 117 0.78 -19.54 -2.72
C ALA A 117 1.18 -20.51 -3.85
N ASP A 118 2.46 -20.92 -3.91
CA ASP A 118 2.92 -21.86 -4.96
C ASP A 118 2.43 -23.28 -4.69
N LYS A 119 1.98 -23.55 -3.44
CA LYS A 119 1.45 -24.86 -3.04
C LYS A 119 -0.06 -24.93 -3.23
N PHE A 120 -0.81 -23.99 -2.61
CA PHE A 120 -2.27 -24.05 -2.59
C PHE A 120 -2.94 -23.25 -3.72
N GLY A 121 -2.25 -22.22 -4.21
CA GLY A 121 -2.78 -21.34 -5.25
C GLY A 121 -3.49 -20.13 -4.69
N PRO A 122 -4.62 -19.69 -5.31
CA PRO A 122 -5.34 -18.52 -4.78
C PRO A 122 -5.70 -18.70 -3.31
N PRO A 124 -5.68 -16.34 0.93
CA PRO A 124 -5.55 -15.03 1.57
C PRO A 124 -4.11 -14.53 1.58
N PHE A 125 -3.92 -13.22 1.44
CA PHE A 125 -2.63 -12.59 1.61
C PHE A 125 -2.80 -11.42 2.58
N PRO A 126 -2.87 -11.71 3.91
CA PRO A 126 -3.26 -10.67 4.88
C PRO A 126 -2.46 -9.37 4.71
N ALA A 127 -3.19 -8.24 4.60
CA ALA A 127 -2.57 -6.93 4.44
C ALA A 127 -2.02 -6.43 5.77
N TYR A 128 -0.93 -5.66 5.73
CA TYR A 128 -0.34 -5.12 6.96
C TYR A 128 -0.93 -3.75 7.32
N GLU A 129 -1.47 -3.01 6.32
CA GLU A 129 -2.03 -1.67 6.55
C GLU A 129 -3.16 -1.70 7.59
N ILE A 130 -4.11 -2.65 7.43
CA ILE A 130 -5.24 -2.76 8.36
C ILE A 130 -5.33 -4.17 8.96
N VAL A 131 -6.02 -4.31 10.11
CA VAL A 131 -6.24 -5.62 10.75
C VAL A 131 -7.52 -6.26 10.20
N GLU A 132 -7.37 -7.14 9.18
CA GLU A 132 -8.52 -7.79 8.55
C GLU A 132 -9.13 -8.85 9.46
N ALA A 133 -10.46 -8.76 9.72
CA ALA A 133 -11.16 -9.74 10.55
C ALA A 133 -11.15 -11.11 9.89
N ASN A 134 -11.37 -11.14 8.56
CA ASN A 134 -11.29 -12.36 7.78
C ASN A 134 -10.64 -12.07 6.44
N PRO A 135 -9.28 -12.20 6.33
CA PRO A 135 -8.60 -11.85 5.08
C PRO A 135 -9.18 -12.58 3.88
N PRO A 136 -9.56 -11.85 2.80
CA PRO A 136 -10.19 -12.52 1.67
C PRO A 136 -9.21 -13.29 0.82
N TYR A 137 -9.69 -14.34 0.11
CA TYR A 137 -8.87 -15.08 -0.83
C TYR A 137 -8.55 -14.20 -2.03
N LYS A 138 -7.29 -14.17 -2.44
CA LYS A 138 -6.88 -13.35 -3.58
C LYS A 138 -6.41 -14.22 -4.72
N SER A 139 -6.66 -13.77 -5.96
CA SER A 139 -6.20 -14.50 -7.15
C SER A 139 -4.69 -14.49 -7.22
N LEU A 140 -4.09 -15.47 -7.91
CA LEU A 140 -2.65 -15.53 -8.08
C LEU A 140 -2.13 -14.37 -8.88
N LYS A 141 -2.99 -13.79 -9.76
CA LYS A 141 -2.64 -12.59 -10.51
C LYS A 141 -2.43 -11.41 -9.53
N ASP A 142 -3.41 -11.17 -8.63
CA ASP A 142 -3.31 -10.10 -7.62
C ASP A 142 -2.19 -10.37 -6.62
N ILE A 143 -2.02 -11.65 -6.23
CA ILE A 143 -0.93 -12.05 -5.32
C ILE A 143 0.45 -11.79 -5.95
N TYR A 144 0.65 -12.19 -7.23
CA TYR A 144 1.93 -11.98 -7.93
C TYR A 144 2.16 -10.52 -8.28
N ASP A 145 1.09 -9.76 -8.63
CA ASP A 145 1.21 -8.32 -8.89
C ASP A 145 1.63 -7.59 -7.62
N GLU A 146 1.22 -8.10 -6.44
CA GLU A 146 1.61 -7.54 -5.16
C GLU A 146 3.07 -7.86 -4.87
N TYR A 147 3.55 -9.08 -5.25
CA TYR A 147 4.94 -9.48 -5.02
C TYR A 147 5.91 -8.44 -5.59
N PHE A 148 5.83 -8.18 -6.93
CA PHE A 148 6.72 -7.23 -7.61
C PHE A 148 6.61 -5.81 -7.03
N ARG A 149 5.36 -5.37 -6.77
CA ARG A 149 5.07 -4.05 -6.21
C ARG A 149 5.72 -3.88 -4.81
N GLU A 150 5.62 -4.91 -3.97
CA GLU A 150 6.21 -4.89 -2.63
C GLU A 150 7.73 -4.97 -2.69
N LEU A 151 8.27 -5.82 -3.59
CA LEU A 151 9.72 -5.98 -3.73
C LEU A 151 10.38 -4.70 -4.26
N ASP A 152 9.72 -4.03 -5.24
CA ASP A 152 10.25 -2.78 -5.81
C ASP A 152 10.29 -1.65 -4.75
N ALA A 153 9.19 -1.49 -4.00
CA ALA A 153 9.09 -0.45 -2.96
C ALA A 153 10.04 -0.73 -1.79
N ALA A 154 10.25 -2.01 -1.46
CA ALA A 154 11.14 -2.40 -0.36
C ALA A 154 12.62 -2.16 -0.71
N ILE A 155 13.01 -2.36 -2.00
CA ILE A 155 14.37 -2.04 -2.47
C ILE A 155 14.62 -0.53 -2.38
N ASN A 156 13.60 0.27 -2.69
CA ASN A 156 13.69 1.73 -2.63
C ASN A 156 13.47 2.25 -1.19
N GLY A 157 12.94 1.38 -0.32
CA GLY A 157 12.64 1.72 1.07
C GLY A 157 13.87 1.88 1.94
N PHE A 158 14.91 1.05 1.72
CA PHE A 158 16.15 1.10 2.51
C PHE A 158 16.76 2.50 2.52
N ASN A 159 17.28 2.93 3.69
CA ASN A 159 17.94 4.23 3.83
C ASN A 159 19.08 4.15 4.84
N ASP A 160 20.29 4.61 4.45
CA ASP A 160 21.48 4.56 5.31
C ASP A 160 21.33 5.43 6.57
N SER A 161 20.43 6.43 6.53
CA SER A 161 20.19 7.31 7.68
C SER A 161 19.33 6.62 8.75
N ALA A 162 18.49 5.65 8.33
CA ALA A 162 17.61 4.92 9.24
C ALA A 162 18.40 3.91 10.10
N GLN A 163 17.77 3.38 11.17
CA GLN A 163 18.39 2.38 12.04
C GLN A 163 18.68 1.08 11.26
N PRO A 164 19.71 0.28 11.67
CA PRO A 164 19.96 -1.00 10.96
C PRO A 164 18.77 -1.95 11.06
N ILE A 165 18.70 -2.96 10.16
CA ILE A 165 17.59 -3.94 10.14
C ILE A 165 17.32 -4.48 11.56
N PHE A 166 18.37 -4.98 12.23
CA PHE A 166 18.27 -5.41 13.63
C PHE A 166 19.29 -4.65 14.50
N SER A 167 19.04 -4.59 15.83
CA SER A 167 19.95 -3.91 16.77
C SER A 167 21.29 -4.65 16.84
N ASP A 168 21.26 -5.98 16.68
CA ASP A 168 22.47 -6.80 16.63
C ASP A 168 22.57 -7.50 15.27
N ALA A 169 23.75 -7.44 14.64
CA ALA A 169 23.97 -8.05 13.32
C ALA A 169 23.74 -9.57 13.34
N GLY A 170 24.07 -10.21 14.46
CA GLY A 170 23.93 -11.65 14.64
C GLY A 170 22.48 -12.14 14.55
N ILE A 171 21.51 -11.23 14.77
CA ILE A 171 20.07 -11.57 14.68
C ILE A 171 19.66 -11.93 13.24
N ASP A 172 20.16 -11.15 12.25
CA ASP A 172 19.90 -11.45 10.83
C ASP A 172 20.69 -12.68 10.42
N LEU A 173 20.04 -13.86 10.47
CA LEU A 173 20.69 -15.14 10.20
C LEU A 173 21.12 -15.30 8.73
N ILE A 174 20.54 -14.48 7.82
CA ILE A 174 20.83 -14.60 6.39
C ILE A 174 21.99 -13.73 5.94
N TYR A 175 21.90 -12.39 6.20
CA TYR A 175 22.91 -11.46 5.67
C TYR A 175 23.56 -10.59 6.74
N LYS A 176 23.25 -10.84 8.03
CA LYS A 176 23.86 -10.10 9.18
C LYS A 176 23.78 -8.56 8.99
N ASN A 177 22.56 -8.05 8.68
CA ASN A 177 22.29 -6.59 8.52
C ASN A 177 22.83 -5.98 7.20
N ASP A 178 23.39 -6.81 6.31
CA ASP A 178 23.89 -6.33 5.01
C ASP A 178 22.72 -5.96 4.10
N VAL A 179 22.43 -4.65 3.98
CA VAL A 179 21.32 -4.13 3.18
C VAL A 179 21.49 -4.45 1.68
N SER A 180 22.73 -4.28 1.15
CA SER A 180 23.00 -4.53 -0.28
C SER A 180 22.72 -5.98 -0.68
N LYS A 181 23.02 -6.94 0.23
CA LYS A 181 22.75 -8.36 -0.03
C LYS A 181 21.25 -8.65 0.04
N TRP A 182 20.50 -7.89 0.86
CA TRP A 182 19.04 -8.01 0.92
C TRP A 182 18.39 -7.46 -0.35
N LYS A 183 19.00 -6.42 -0.94
CA LYS A 183 18.52 -5.85 -2.21
C LYS A 183 18.75 -6.86 -3.36
N ARG A 184 19.92 -7.53 -3.36
CA ARG A 184 20.23 -8.57 -4.36
C ARG A 184 19.25 -9.74 -4.26
N PHE A 185 18.95 -10.21 -3.02
CA PHE A 185 18.01 -11.30 -2.78
C PHE A 185 16.60 -10.90 -3.23
N ALA A 186 16.18 -9.67 -2.88
CA ALA A 186 14.86 -9.15 -3.29
C ALA A 186 14.76 -9.09 -4.80
N ASN A 187 15.85 -8.67 -5.47
CA ASN A 187 15.89 -8.56 -6.93
C ASN A 187 15.92 -9.94 -7.58
N SER A 188 16.62 -10.91 -6.94
CA SER A 188 16.68 -12.30 -7.42
C SER A 188 15.32 -12.96 -7.30
N LEU A 189 14.56 -12.61 -6.24
CA LEU A 189 13.20 -13.10 -6.05
C LEU A 189 12.27 -12.49 -7.11
N ARG A 190 12.50 -11.20 -7.48
CA ARG A 190 11.73 -10.56 -8.55
C ARG A 190 11.96 -11.32 -9.87
N LEU A 191 13.23 -11.69 -10.17
CA LEU A 191 13.58 -12.47 -11.38
C LEU A 191 12.97 -13.88 -11.32
N ARG A 192 12.97 -14.51 -10.12
CA ARG A 192 12.38 -15.84 -9.94
C ARG A 192 10.85 -15.82 -10.21
N LEU A 193 10.14 -14.85 -9.61
CA LEU A 193 8.68 -14.74 -9.74
C LEU A 193 8.28 -14.23 -11.14
N ALA A 194 9.20 -13.57 -11.85
CA ALA A 194 8.94 -13.10 -13.22
C ALA A 194 8.97 -14.27 -14.20
N VAL A 195 9.99 -15.16 -14.08
CA VAL A 195 10.11 -16.35 -14.95
C VAL A 195 8.95 -17.34 -14.69
N ARG A 196 8.32 -17.25 -13.49
CA ARG A 196 7.13 -18.05 -13.16
C ARG A 196 5.95 -17.74 -14.13
N LEU A 197 5.97 -16.54 -14.75
CA LEU A 197 4.86 -16.07 -15.59
C LEU A 197 5.15 -16.20 -17.11
N THR A 198 6.12 -17.06 -17.50
CA THR A 198 6.48 -17.24 -18.93
C THR A 198 5.28 -17.75 -19.77
N GLU A 199 4.38 -18.53 -19.15
CA GLU A 199 3.26 -19.15 -19.88
C GLU A 199 1.96 -18.33 -19.78
N VAL A 200 1.66 -17.77 -18.60
CA VAL A 200 0.40 -17.06 -18.37
C VAL A 200 0.45 -15.59 -18.87
N ASP A 201 1.62 -14.93 -18.77
CA ASP A 201 1.75 -13.53 -19.17
C ASP A 201 3.18 -13.19 -19.54
N GLN A 202 3.53 -13.35 -20.85
CA GLN A 202 4.88 -13.05 -21.35
C GLN A 202 5.23 -11.57 -21.21
N GLU A 203 4.23 -10.67 -21.40
CA GLU A 203 4.47 -9.23 -21.30
C GLU A 203 4.93 -8.83 -19.87
N LYS A 204 4.24 -9.34 -18.84
CA LYS A 204 4.60 -9.06 -17.45
C LYS A 204 5.89 -9.80 -17.06
N CYS A 205 6.03 -11.08 -17.51
CA CYS A 205 7.25 -11.89 -17.26
C CYS A 205 8.51 -11.13 -17.74
N ILE A 206 8.52 -10.67 -19.00
CA ILE A 206 9.66 -9.98 -19.60
C ILE A 206 9.87 -8.58 -18.98
N ALA A 207 8.77 -7.84 -18.72
CA ALA A 207 8.87 -6.50 -18.11
C ALA A 207 9.44 -6.55 -16.69
N GLU A 208 9.00 -7.54 -15.88
CA GLU A 208 9.50 -7.70 -14.52
C GLU A 208 10.93 -8.26 -14.48
N ALA A 209 11.27 -9.16 -15.44
CA ALA A 209 12.62 -9.71 -15.53
C ALA A 209 13.61 -8.65 -16.00
N ASN A 210 13.19 -7.77 -16.96
CA ASN A 210 14.04 -6.65 -17.42
C ASN A 210 14.31 -5.66 -16.29
N ALA A 211 13.29 -5.40 -15.44
CA ALA A 211 13.45 -4.52 -14.29
C ALA A 211 14.42 -5.14 -13.26
N ALA A 212 14.38 -6.47 -13.11
CA ALA A 212 15.26 -7.18 -12.19
C ALA A 212 16.71 -7.21 -12.69
N ILE A 213 16.91 -7.46 -13.99
CA ILE A 213 18.26 -7.52 -14.59
C ILE A 213 18.88 -6.10 -14.71
N SER A 214 18.04 -5.07 -14.93
CA SER A 214 18.52 -3.69 -15.12
C SER A 214 18.69 -2.94 -13.78
N SER A 215 18.13 -3.50 -12.68
CA SER A 215 18.18 -2.85 -11.36
C SER A 215 19.62 -2.55 -10.90
N PRO A 216 19.89 -1.33 -10.39
CA PRO A 216 21.25 -1.01 -9.90
C PRO A 216 21.59 -1.76 -8.59
N ALA A 217 20.55 -2.33 -7.93
CA ALA A 217 20.74 -3.09 -6.69
C ALA A 217 21.51 -4.40 -6.94
N GLY A 218 21.39 -4.92 -8.16
CA GLY A 218 22.08 -6.15 -8.57
C GLY A 218 21.35 -7.40 -8.15
N LEU A 219 21.88 -8.57 -8.54
CA LEU A 219 21.30 -9.88 -8.20
C LEU A 219 22.32 -10.71 -7.40
N ILE A 220 21.95 -11.95 -7.03
CA ILE A 220 22.90 -12.88 -6.41
C ILE A 220 23.87 -13.41 -7.48
N SER A 221 24.95 -12.65 -7.73
CA SER A 221 25.87 -12.90 -8.85
C SER A 221 27.06 -13.78 -8.47
N ASP A 222 27.31 -13.97 -7.17
CA ASP A 222 28.40 -14.84 -6.71
C ASP A 222 28.05 -15.55 -5.40
N LYS A 223 28.86 -16.56 -5.01
CA LYS A 223 28.61 -17.38 -3.80
C LYS A 223 28.54 -16.55 -2.51
N ALA A 224 29.18 -15.37 -2.49
CA ALA A 224 29.15 -14.50 -1.31
C ALA A 224 27.75 -13.88 -1.09
N ASP A 225 26.92 -13.84 -2.15
CA ASP A 225 25.57 -13.25 -2.06
C ASP A 225 24.49 -14.31 -1.74
N ASN A 226 24.86 -15.62 -1.82
CA ASN A 226 23.90 -16.73 -1.60
C ASN A 226 23.10 -16.58 -0.32
N ALA A 227 21.78 -16.88 -0.38
CA ALA A 227 20.92 -16.79 0.78
C ALA A 227 20.80 -18.14 1.48
N TYR A 228 21.20 -18.21 2.77
CA TYR A 228 21.12 -19.43 3.55
C TYR A 228 20.31 -19.20 4.82
N PRO A 230 20.65 -20.78 8.50
CA PRO A 230 21.32 -21.74 9.38
C PRO A 230 20.39 -22.27 10.47
N PRO A 231 20.43 -23.59 10.75
CA PRO A 231 19.61 -24.11 11.85
C PRO A 231 20.26 -23.80 13.21
N LYS A 232 19.48 -23.92 14.31
CA LYS A 232 20.01 -23.68 15.65
C LYS A 232 21.18 -24.60 15.95
N ALA A 233 21.02 -25.94 15.66
CA ALA A 233 22.03 -26.96 15.97
C ALA A 233 22.58 -26.81 17.40
N ASP A 234 21.66 -26.58 18.38
CA ASP A 234 22.02 -26.34 19.77
C ASP A 234 21.55 -27.48 20.70
N GLY A 235 21.09 -28.59 20.10
CA GLY A 235 20.61 -29.73 20.85
C GLY A 235 19.10 -29.79 20.99
N SER A 236 18.42 -28.67 20.64
CA SER A 236 16.95 -28.61 20.69
C SER A 236 16.35 -29.54 19.65
N TRP A 237 15.24 -30.21 20.00
CA TRP A 237 14.57 -31.15 19.10
C TRP A 237 14.10 -30.45 17.82
N GLY A 238 14.43 -31.05 16.67
CA GLY A 238 13.97 -30.55 15.38
C GLY A 238 14.51 -29.19 14.99
N GLN A 239 15.66 -28.79 15.57
CA GLN A 239 16.28 -27.49 15.25
C GLN A 239 17.62 -27.65 14.54
N ASP A 240 17.83 -28.81 13.89
CA ASP A 240 19.04 -29.07 13.09
C ASP A 240 18.70 -29.00 11.61
N TYR A 241 19.64 -29.38 10.73
CA TYR A 241 19.31 -29.64 9.34
C TYR A 241 18.56 -30.95 9.32
N ASN A 242 17.22 -30.84 9.43
CA ASN A 242 16.36 -31.92 9.89
C ASN A 242 16.35 -33.21 9.09
N TYR A 243 16.91 -33.21 7.85
CA TYR A 243 17.08 -34.47 7.10
C TYR A 243 17.94 -35.46 7.92
N THR A 244 18.86 -34.94 8.79
CA THR A 244 19.70 -35.78 9.65
C THR A 244 18.85 -36.55 10.66
N PHE A 246 15.42 -37.33 10.30
CA PHE A 246 14.52 -38.24 9.57
C PHE A 246 15.27 -39.50 9.06
N GLN A 247 16.44 -39.31 8.40
CA GLN A 247 17.18 -40.43 7.82
C GLN A 247 18.09 -41.14 8.82
N ILE A 248 18.98 -40.38 9.50
CA ILE A 248 19.98 -40.99 10.38
C ILE A 248 19.38 -41.38 11.75
N THR A 249 18.90 -40.39 12.53
CA THR A 249 18.39 -40.63 13.89
C THR A 249 17.20 -41.63 13.88
N TRP A 250 16.26 -41.47 12.92
CA TRP A 250 15.08 -42.33 12.85
C TRP A 250 15.26 -43.54 11.89
N SER A 251 16.47 -43.68 11.28
CA SER A 251 16.79 -44.80 10.37
C SER A 251 15.75 -44.98 9.24
N GLY A 252 15.34 -43.86 8.65
CA GLY A 252 14.39 -43.86 7.54
C GLY A 252 15.02 -43.33 6.26
N PRO A 253 15.42 -44.23 5.34
CA PRO A 253 16.11 -43.77 4.13
C PRO A 253 15.31 -42.76 3.30
N ILE A 254 15.93 -41.63 2.96
CA ILE A 254 15.35 -40.65 2.04
C ILE A 254 16.11 -40.76 0.73
N CYS A 255 15.50 -41.42 -0.26
CA CYS A 255 16.19 -41.94 -1.41
C CYS A 255 16.29 -41.01 -2.57
N SER A 257 15.46 -40.58 -6.39
CA SER A 257 14.39 -41.14 -7.23
C SER A 257 14.97 -41.75 -8.50
N LYS A 258 14.21 -42.68 -9.13
CA LYS A 258 14.63 -43.29 -10.39
CA LYS A 258 14.63 -43.29 -10.39
C LYS A 258 14.74 -42.22 -11.48
N SER A 259 13.83 -41.22 -11.44
CA SER A 259 13.85 -40.10 -12.39
C SER A 259 15.18 -39.34 -12.32
N VAL A 260 15.65 -39.02 -11.09
CA VAL A 260 16.92 -38.29 -10.90
C VAL A 260 18.11 -39.15 -11.35
N GLU A 261 18.07 -40.48 -11.08
CA GLU A 261 19.13 -41.38 -11.55
C GLU A 261 19.23 -41.31 -13.08
N LYS A 262 18.08 -41.28 -13.79
CA LYS A 262 18.05 -41.15 -15.24
C LYS A 262 18.64 -39.81 -15.71
N LEU A 263 18.47 -38.74 -14.88
CA LEU A 263 18.97 -37.40 -15.22
C LEU A 263 20.48 -37.25 -14.97
N VAL A 264 21.02 -37.96 -13.94
CA VAL A 264 22.44 -37.80 -13.55
C VAL A 264 23.37 -38.87 -14.18
N THR A 265 22.80 -39.96 -14.72
CA THR A 265 23.57 -41.05 -15.31
C THR A 265 24.22 -40.62 -16.64
N ASN A 266 25.51 -41.03 -16.85
CA ASN A 266 26.24 -40.86 -18.12
C ASN A 266 26.59 -39.40 -18.44
N ILE A 267 25.63 -38.47 -18.26
CA ILE A 267 25.84 -37.05 -18.60
C ILE A 267 27.15 -36.48 -18.02
N GLY A 268 27.97 -35.86 -18.86
CA GLY A 268 29.23 -35.26 -18.45
C GLY A 268 30.45 -36.10 -18.79
N GLY A 269 30.23 -37.39 -19.00
CA GLY A 269 31.29 -38.32 -19.42
C GLY A 269 32.29 -38.67 -18.33
N VAL A 270 32.13 -38.09 -17.12
CA VAL A 270 33.05 -38.36 -16.01
C VAL A 270 32.78 -39.74 -15.39
N ALA A 271 33.81 -40.62 -15.37
CA ALA A 271 33.68 -41.98 -14.84
C ALA A 271 33.29 -41.99 -13.35
N TRP A 272 32.64 -43.09 -12.89
CA TRP A 272 32.23 -43.25 -11.49
C TRP A 272 33.44 -43.06 -10.54
N PRO A 273 33.32 -42.18 -9.50
CA PRO A 273 34.49 -41.92 -8.63
C PRO A 273 34.81 -43.09 -7.69
N GLN A 274 36.07 -43.21 -7.28
CA GLN A 274 36.51 -44.29 -6.39
C GLN A 274 36.20 -43.97 -4.92
N GLY A 275 36.05 -45.02 -4.11
CA GLY A 275 35.85 -44.91 -2.66
C GLY A 275 34.50 -44.35 -2.26
N VAL A 276 33.45 -44.64 -3.06
CA VAL A 276 32.09 -44.22 -2.70
C VAL A 276 31.48 -45.22 -1.73
N VAL A 277 31.18 -44.78 -0.50
CA VAL A 277 30.66 -45.66 0.55
C VAL A 277 29.51 -45.00 1.29
N ASN A 278 28.61 -45.82 1.89
CA ASN A 278 27.60 -45.29 2.80
C ASN A 278 28.27 -44.98 4.13
N GLN A 279 28.28 -43.70 4.52
CA GLN A 279 29.02 -43.27 5.72
C GLN A 279 28.27 -43.54 7.06
N THR A 280 27.06 -44.12 6.98
CA THR A 280 26.30 -44.48 8.19
C THR A 280 26.56 -45.95 8.58
N SER A 281 26.51 -46.86 7.60
CA SER A 281 26.73 -48.29 7.84
C SER A 281 28.18 -48.71 7.54
N GLY A 282 28.88 -47.89 6.76
CA GLY A 282 30.25 -48.19 6.35
C GLY A 282 30.30 -49.11 5.15
N VAL A 283 29.12 -49.47 4.60
CA VAL A 283 29.04 -50.38 3.44
C VAL A 283 29.47 -49.66 2.15
N ALA A 284 30.49 -50.21 1.46
CA ALA A 284 30.99 -49.65 0.21
C ALA A 284 29.99 -49.86 -0.93
N VAL A 285 30.06 -49.02 -1.99
CA VAL A 285 29.16 -49.16 -3.14
C VAL A 285 29.31 -50.54 -3.80
N SER A 286 28.18 -51.19 -4.09
CA SER A 286 28.19 -52.48 -4.77
C SER A 286 28.49 -52.28 -6.26
N SER A 287 28.38 -53.36 -7.07
CA SER A 287 28.60 -53.25 -8.51
CA SER A 287 28.59 -53.27 -8.52
C SER A 287 27.42 -52.53 -9.19
N VAL A 288 26.31 -52.34 -8.44
CA VAL A 288 25.13 -51.63 -8.93
C VAL A 288 25.38 -50.10 -8.91
N HIS A 289 25.97 -49.58 -10.00
CA HIS A 289 26.21 -48.14 -10.20
C HIS A 289 26.57 -47.87 -11.67
N PRO A 290 26.27 -46.65 -12.19
CA PRO A 290 26.60 -46.37 -13.61
C PRO A 290 28.11 -46.26 -13.84
N GLU A 291 28.57 -46.55 -15.08
CA GLU A 291 29.98 -46.40 -15.46
C GLU A 291 30.37 -44.91 -15.43
N LYS A 292 29.51 -44.03 -15.97
CA LYS A 292 29.72 -42.59 -15.95
C LYS A 292 28.58 -41.91 -15.22
N VAL A 293 28.88 -40.87 -14.44
CA VAL A 293 27.86 -40.17 -13.64
C VAL A 293 28.22 -38.70 -13.43
N ASP A 294 27.20 -37.82 -13.24
CA ASP A 294 27.41 -36.42 -12.86
C ASP A 294 28.20 -36.38 -11.54
N PRO A 295 29.35 -35.65 -11.49
CA PRO A 295 30.21 -35.70 -10.29
C PRO A 295 29.49 -35.29 -8.99
N ARG A 296 28.41 -34.49 -9.11
CA ARG A 296 27.64 -34.04 -7.95
C ARG A 296 26.79 -35.17 -7.34
N ALA A 297 26.26 -36.08 -8.21
CA ALA A 297 25.34 -37.16 -7.78
C ALA A 297 25.89 -38.03 -6.59
N PRO A 298 27.14 -38.59 -6.67
CA PRO A 298 27.65 -39.41 -5.55
C PRO A 298 27.97 -38.58 -4.30
N LYS A 299 27.99 -37.23 -4.44
CA LYS A 299 28.21 -36.34 -3.30
C LYS A 299 26.88 -35.92 -2.66
N ILE A 300 25.80 -35.91 -3.45
CA ILE A 300 24.46 -35.66 -2.92
C ILE A 300 23.90 -36.95 -2.30
N PHE A 301 23.99 -38.07 -3.04
CA PHE A 301 23.43 -39.34 -2.59
C PHE A 301 24.50 -40.41 -2.37
N GLN A 302 24.46 -41.07 -1.21
CA GLN A 302 25.36 -42.17 -0.89
C GLN A 302 24.71 -43.52 -1.22
N PRO A 303 25.49 -44.63 -1.33
CA PRO A 303 24.87 -45.94 -1.69
C PRO A 303 23.90 -46.44 -0.62
N GLY A 304 23.06 -47.43 -0.99
CA GLY A 304 22.11 -48.05 -0.08
C GLY A 304 22.74 -48.47 1.24
N ILE A 305 22.06 -48.19 2.35
CA ILE A 305 22.59 -48.44 3.69
C ILE A 305 22.78 -49.96 3.97
N GLU A 306 22.01 -50.83 3.28
CA GLU A 306 22.04 -52.27 3.56
C GLU A 306 23.03 -53.04 2.66
N ASN A 307 22.92 -52.90 1.31
CA ASN A 307 23.75 -53.69 0.38
C ASN A 307 24.71 -52.84 -0.51
N GLY A 308 24.63 -51.51 -0.37
CA GLY A 308 25.53 -50.61 -1.09
C GLY A 308 25.12 -50.34 -2.53
N ASP A 309 23.89 -50.74 -2.92
CA ASP A 309 23.39 -50.47 -4.27
C ASP A 309 23.17 -48.98 -4.46
N TRP A 310 23.70 -48.42 -5.55
CA TRP A 310 23.48 -47.01 -5.86
C TRP A 310 22.54 -46.89 -7.02
N LYS A 311 21.24 -46.90 -6.73
CA LYS A 311 20.20 -46.79 -7.73
C LYS A 311 19.03 -46.00 -7.19
N GLY A 312 18.26 -45.39 -8.08
CA GLY A 312 17.12 -44.58 -7.72
C GLY A 312 15.91 -45.42 -7.34
N LEU A 313 15.15 -44.96 -6.33
CA LEU A 313 13.94 -45.64 -5.90
C LEU A 313 12.80 -45.32 -6.87
N VAL A 314 12.20 -46.36 -7.49
CA VAL A 314 11.04 -46.17 -8.40
C VAL A 314 9.92 -45.48 -7.64
N TYR A 315 9.39 -44.38 -8.20
CA TYR A 315 8.49 -43.49 -7.47
C TYR A 315 7.02 -43.86 -7.55
N GLY A 316 6.35 -43.82 -6.40
CA GLY A 316 4.89 -43.81 -6.31
C GLY A 316 4.19 -45.14 -6.51
N PRO A 317 4.70 -46.27 -5.96
CA PRO A 317 3.89 -47.50 -5.95
C PRO A 317 2.82 -47.42 -4.86
N LYS A 318 1.90 -48.40 -4.81
CA LYS A 318 0.90 -48.45 -3.74
C LYS A 318 1.58 -48.59 -2.37
N ALA A 319 1.03 -47.91 -1.33
CA ALA A 319 1.65 -47.84 0.02
C ALA A 319 2.09 -49.22 0.56
N GLU A 320 1.30 -50.28 0.30
CA GLU A 320 1.61 -51.63 0.80
C GLU A 320 2.85 -52.25 0.08
N GLU A 321 3.24 -51.68 -1.07
CA GLU A 321 4.40 -52.17 -1.83
C GLU A 321 5.70 -51.48 -1.39
N ALA A 322 5.61 -50.47 -0.50
CA ALA A 322 6.78 -49.74 -0.02
C ALA A 322 7.73 -50.66 0.76
N ASN A 323 9.06 -50.54 0.52
CA ASN A 323 10.09 -51.34 1.19
C ASN A 323 9.95 -52.85 0.90
N THR A 324 9.42 -53.19 -0.32
CA THR A 324 9.33 -54.58 -0.79
C THR A 324 9.84 -54.64 -2.24
N GLY A 325 10.50 -55.75 -2.59
CA GLY A 325 11.03 -55.96 -3.94
C GLY A 325 12.01 -54.90 -4.37
N ILE A 326 11.71 -54.22 -5.49
CA ILE A 326 12.59 -53.14 -6.02
C ILE A 326 12.41 -51.84 -5.21
N TYR A 327 11.36 -51.79 -4.36
CA TYR A 327 11.06 -50.57 -3.59
C TYR A 327 11.73 -50.57 -2.20
N GLN A 328 12.70 -51.47 -1.97
CA GLN A 328 13.44 -51.50 -0.70
C GLN A 328 14.36 -50.27 -0.57
N SER A 329 13.95 -49.30 0.30
CA SER A 329 14.68 -48.03 0.46
C SER A 329 16.10 -48.21 1.04
N LYS A 330 16.33 -49.32 1.78
CA LYS A 330 17.66 -49.61 2.32
C LYS A 330 18.60 -50.16 1.23
N GLN A 331 18.04 -50.47 0.02
CA GLN A 331 18.83 -50.95 -1.12
C GLN A 331 18.86 -49.93 -2.27
N CYS A 332 18.40 -48.69 -1.99
CA CYS A 332 18.46 -47.59 -2.96
C CYS A 332 19.37 -46.49 -2.44
N ALA A 333 19.95 -45.70 -3.35
CA ALA A 333 20.82 -44.57 -2.96
C ALA A 333 20.06 -43.59 -2.06
N GLU A 334 20.69 -43.18 -0.93
CA GLU A 334 20.05 -42.26 0.04
C GLU A 334 20.90 -41.00 0.22
N LEU A 335 20.39 -40.02 1.00
CA LEU A 335 21.11 -38.74 1.23
C LEU A 335 22.50 -38.99 1.83
N GLY A 336 23.52 -38.39 1.21
CA GLY A 336 24.91 -38.57 1.64
C GLY A 336 25.59 -37.27 2.08
N PHE A 337 25.12 -36.12 1.54
CA PHE A 337 25.69 -34.81 1.89
C PHE A 337 25.34 -34.41 3.34
N ILE A 338 24.33 -35.09 3.94
CA ILE A 338 23.92 -34.81 5.32
C ILE A 338 24.92 -35.40 6.34
N ILE A 339 26.05 -35.97 5.82
CA ILE A 339 27.13 -36.49 6.67
C ILE A 339 28.43 -35.74 6.34
N LYS A 340 29.03 -35.07 7.35
CA LYS A 340 30.26 -34.30 7.15
C LYS A 340 31.32 -34.68 8.19
N ASP A 341 32.57 -34.98 7.73
CA ASP A 341 33.68 -35.36 8.61
C ASP A 341 33.35 -36.61 9.46
N GLY A 342 32.58 -37.54 8.89
CA GLY A 342 32.22 -38.80 9.54
C GLY A 342 31.09 -38.68 10.56
N TYR A 343 30.44 -37.51 10.63
CA TYR A 343 29.34 -37.27 11.58
C TYR A 343 28.14 -36.58 10.91
N PRO A 344 26.90 -36.74 11.45
CA PRO A 344 25.74 -36.06 10.84
C PRO A 344 25.94 -34.55 10.72
N TYR A 345 25.71 -34.00 9.52
CA TYR A 345 25.87 -32.57 9.24
C TYR A 345 24.65 -31.79 9.78
N LYS A 346 24.48 -31.78 11.12
CA LYS A 346 23.31 -31.16 11.78
C LYS A 346 23.29 -29.64 11.63
N SER A 347 24.47 -29.01 11.51
CA SER A 347 24.56 -27.54 11.45
C SER A 347 24.46 -26.98 10.02
N ARG A 348 24.23 -27.86 9.01
CA ARG A 348 24.15 -27.42 7.60
C ARG A 348 23.05 -26.38 7.38
N PRO A 349 23.38 -25.20 6.82
CA PRO A 349 22.34 -24.21 6.53
C PRO A 349 21.43 -24.63 5.39
N TYR A 350 20.16 -24.26 5.45
CA TYR A 350 19.23 -24.53 4.37
C TYR A 350 19.49 -23.58 3.20
N ASP A 351 19.49 -24.11 1.97
CA ASP A 351 19.69 -23.27 0.78
C ASP A 351 18.40 -22.55 0.41
N LEU A 352 18.44 -21.20 0.39
CA LEU A 352 17.27 -20.38 0.06
C LEU A 352 17.34 -19.88 -1.38
N PHE A 353 18.45 -19.22 -1.74
CA PHE A 353 18.64 -18.74 -3.10
C PHE A 353 20.14 -18.72 -3.43
N LEU A 354 20.57 -19.57 -4.40
CA LEU A 354 21.97 -19.67 -4.79
C LEU A 354 22.22 -18.98 -6.13
N SER A 355 23.46 -18.49 -6.35
CA SER A 355 23.83 -17.78 -7.58
C SER A 355 23.56 -18.62 -8.84
N GLU A 356 23.61 -19.98 -8.71
CA GLU A 356 23.33 -20.90 -9.84
C GLU A 356 21.98 -20.60 -10.46
N GLU A 357 20.93 -20.50 -9.61
CA GLU A 357 19.55 -20.28 -10.08
C GLU A 357 19.43 -19.00 -10.88
N VAL A 358 20.03 -17.88 -10.37
CA VAL A 358 20.00 -16.58 -11.07
C VAL A 358 20.52 -16.72 -12.52
N HIS A 359 21.62 -17.48 -12.70
CA HIS A 359 22.18 -17.73 -14.03
C HIS A 359 21.22 -18.55 -14.90
N PHE A 360 20.58 -19.59 -14.34
CA PHE A 360 19.64 -20.43 -15.10
C PHE A 360 18.32 -19.71 -15.39
N LEU A 361 17.95 -18.74 -14.52
CA LEU A 361 16.76 -17.91 -14.75
C LEU A 361 16.99 -17.02 -15.97
N LYS A 362 18.17 -16.35 -16.02
CA LYS A 362 18.55 -15.52 -17.17
C LYS A 362 18.79 -16.37 -18.42
N ALA A 363 19.39 -17.57 -18.25
CA ALA A 363 19.67 -18.49 -19.36
C ALA A 363 18.37 -18.89 -20.09
N GLU A 364 17.30 -19.19 -19.31
CA GLU A 364 16.01 -19.57 -19.90
C GLU A 364 15.41 -18.42 -20.70
N LEU A 365 15.41 -17.19 -20.11
CA LEU A 365 14.88 -16.00 -20.80
C LEU A 365 15.64 -15.71 -22.11
N TYR A 366 16.98 -15.93 -22.12
CA TYR A 366 17.80 -15.66 -23.32
C TYR A 366 17.65 -16.76 -24.37
N ALA A 367 17.50 -18.02 -23.94
CA ALA A 367 17.36 -19.15 -24.87
C ALA A 367 16.00 -19.15 -25.55
N ARG A 368 14.97 -18.63 -24.86
CA ARG A 368 13.60 -18.61 -25.39
C ARG A 368 13.31 -17.34 -26.21
N GLY A 369 14.31 -16.47 -26.33
CA GLY A 369 14.19 -15.24 -27.10
C GLY A 369 13.31 -14.19 -26.45
N PHE A 370 13.01 -14.37 -25.15
CA PHE A 370 12.18 -13.43 -24.39
C PHE A 370 12.94 -12.13 -24.16
N ILE A 371 14.25 -12.24 -23.81
CA ILE A 371 15.14 -11.08 -23.66
C ILE A 371 16.45 -11.35 -24.41
N ALA A 372 17.01 -10.32 -25.07
CA ALA A 372 18.28 -10.46 -25.78
C ALA A 372 19.44 -10.66 -24.80
N GLY A 373 20.24 -11.70 -25.05
CA GLY A 373 21.38 -12.02 -24.19
C GLY A 373 22.06 -13.32 -24.54
N ASP A 374 23.22 -13.57 -23.91
CA ASP A 374 24.00 -14.78 -24.18
C ASP A 374 23.54 -15.95 -23.30
N ALA A 375 22.70 -16.84 -23.85
CA ALA A 375 22.15 -17.98 -23.10
C ALA A 375 23.23 -18.98 -22.70
N LYS A 376 24.17 -19.29 -23.64
CA LYS A 376 25.25 -20.24 -23.39
C LYS A 376 26.12 -19.82 -22.20
N SER A 377 26.57 -18.54 -22.19
CA SER A 377 27.42 -18.01 -21.11
C SER A 377 26.72 -18.07 -19.75
N GLU A 378 25.39 -17.77 -19.69
CA GLU A 378 24.63 -17.86 -18.44
C GLU A 378 24.47 -19.31 -18.01
N TYR A 379 24.19 -20.23 -18.98
CA TYR A 379 24.05 -21.67 -18.72
C TYR A 379 25.35 -22.25 -18.07
N GLU A 380 26.51 -21.98 -18.70
CA GLU A 380 27.80 -22.49 -18.22
C GLU A 380 28.19 -21.87 -16.88
N ALA A 381 27.91 -20.55 -16.68
CA ALA A 381 28.20 -19.88 -15.41
C ALA A 381 27.36 -20.48 -14.26
N GLY A 382 26.15 -20.94 -14.58
CA GLY A 382 25.29 -21.60 -13.61
C GLY A 382 25.78 -22.97 -13.23
N VAL A 383 26.22 -23.78 -14.22
CA VAL A 383 26.75 -25.13 -13.98
C VAL A 383 28.09 -25.05 -13.19
N ARG A 384 28.95 -24.07 -13.53
CA ARG A 384 30.24 -23.89 -12.86
C ARG A 384 30.07 -23.46 -11.39
N ALA A 385 29.05 -22.63 -11.10
CA ALA A 385 28.75 -22.22 -9.73
C ALA A 385 28.20 -23.41 -8.91
N SER A 386 27.50 -24.36 -9.58
CA SER A 386 26.94 -25.54 -8.92
C SER A 386 28.02 -26.55 -8.58
N PHE A 387 28.98 -26.76 -9.52
CA PHE A 387 30.13 -27.64 -9.27
C PHE A 387 31.04 -27.07 -8.19
N ALA A 388 31.10 -25.72 -8.08
CA ALA A 388 31.83 -25.06 -7.00
C ALA A 388 31.12 -25.29 -5.68
N THR A 389 29.77 -25.21 -5.68
CA THR A 389 28.94 -25.46 -4.51
C THR A 389 29.15 -26.90 -3.99
N TRP A 390 29.29 -27.88 -4.91
CA TRP A 390 29.42 -29.29 -4.54
C TRP A 390 30.88 -29.78 -4.50
N GLY A 391 31.83 -28.84 -4.61
CA GLY A 391 33.26 -29.13 -4.51
C GLY A 391 33.79 -30.05 -5.61
N VAL A 392 33.26 -29.89 -6.84
CA VAL A 392 33.71 -30.69 -7.99
C VAL A 392 34.11 -29.79 -9.18
N THR A 393 34.72 -28.62 -8.88
CA THR A 393 35.17 -27.66 -9.91
C THR A 393 36.18 -28.28 -10.89
N SER A 394 37.07 -29.17 -10.39
CA SER A 394 38.09 -29.81 -11.23
C SER A 394 37.47 -30.70 -12.32
N GLU A 395 36.14 -30.96 -12.23
CA GLU A 395 35.46 -31.84 -13.19
C GLU A 395 34.55 -31.06 -14.17
N VAL A 396 34.24 -29.77 -13.86
CA VAL A 396 33.27 -28.99 -14.64
C VAL A 396 33.70 -28.75 -16.13
N ASP A 397 35.02 -28.58 -16.39
CA ASP A 397 35.51 -28.34 -17.75
C ASP A 397 35.22 -29.52 -18.68
N ASP A 398 35.55 -30.75 -18.24
CA ASP A 398 35.28 -31.97 -19.03
C ASP A 398 33.78 -32.25 -19.11
N TYR A 399 33.04 -31.90 -18.04
CA TYR A 399 31.58 -32.08 -17.98
C TYR A 399 30.89 -31.25 -19.07
N LEU A 400 31.22 -29.93 -19.14
CA LEU A 400 30.58 -28.99 -20.10
C LEU A 400 30.93 -29.28 -21.57
N THR A 401 32.06 -29.96 -21.83
CA THR A 401 32.50 -30.25 -23.21
C THR A 401 32.04 -31.65 -23.67
N SER A 402 31.35 -32.41 -22.80
CA SER A 402 30.95 -33.78 -23.10
C SER A 402 29.60 -33.86 -23.84
N THR A 403 29.50 -34.75 -24.84
CA THR A 403 28.27 -34.97 -25.61
C THR A 403 27.50 -36.21 -25.09
N GLU A 404 27.99 -36.82 -23.98
CA GLU A 404 27.32 -37.98 -23.37
C GLU A 404 25.94 -37.60 -22.88
N LYS A 405 24.92 -38.33 -23.33
CA LYS A 405 23.54 -38.02 -22.99
C LYS A 405 23.09 -38.79 -21.78
N ASN A 406 22.28 -38.17 -20.90
CA ASN A 406 21.67 -38.90 -19.79
C ASN A 406 20.53 -39.78 -20.33
N GLU A 407 19.81 -40.47 -19.44
CA GLU A 407 18.75 -41.39 -19.89
C GLU A 407 17.48 -40.65 -20.34
N ALA A 408 17.49 -39.30 -20.27
CA ALA A 408 16.42 -38.48 -20.84
C ALA A 408 16.81 -38.01 -22.25
N GLY A 409 18.07 -38.25 -22.63
CA GLY A 409 18.61 -37.86 -23.94
C GLY A 409 19.32 -36.52 -23.92
N THR A 410 19.48 -35.93 -22.72
CA THR A 410 20.09 -34.61 -22.59
C THR A 410 21.59 -34.71 -22.33
N SER A 411 22.39 -33.93 -23.08
CA SER A 411 23.83 -33.83 -22.85
C SER A 411 24.17 -32.50 -22.15
N ALA A 412 25.34 -32.42 -21.51
CA ALA A 412 25.75 -31.21 -20.80
C ALA A 412 26.24 -30.11 -21.76
N ARG A 413 26.88 -30.50 -22.89
CA ARG A 413 27.40 -29.55 -23.89
C ARG A 413 26.25 -28.72 -24.48
N TYR A 414 26.26 -27.39 -24.22
CA TYR A 414 25.16 -26.50 -24.63
C TYR A 414 24.93 -26.46 -26.14
N ASP A 415 26.02 -26.48 -26.94
CA ASP A 415 25.91 -26.39 -28.41
C ASP A 415 25.38 -27.69 -29.04
N ASP A 416 25.51 -28.82 -28.32
CA ASP A 416 24.99 -30.11 -28.79
C ASP A 416 23.47 -30.20 -28.51
N GLN A 417 22.65 -29.61 -29.39
CA GLN A 417 21.19 -29.57 -29.18
C GLN A 417 20.46 -30.55 -30.13
N GLN A 418 21.15 -31.63 -30.55
CA GLN A 418 20.56 -32.63 -31.45
C GLN A 418 20.09 -33.87 -30.67
N GLY A 419 18.92 -34.38 -31.05
CA GLY A 419 18.36 -35.58 -30.43
C GLY A 419 17.15 -35.30 -29.55
N ALA A 420 16.34 -36.35 -29.29
CA ALA A 420 15.14 -36.22 -28.44
C ALA A 420 15.53 -35.95 -26.98
N GLY A 421 14.97 -34.88 -26.42
CA GLY A 421 15.22 -34.48 -25.03
C GLY A 421 16.46 -33.63 -24.88
N ASN A 422 17.05 -33.17 -26.01
CA ASN A 422 18.33 -32.46 -25.99
C ASN A 422 18.21 -30.96 -26.43
N THR A 423 17.00 -30.36 -26.29
CA THR A 423 16.81 -28.94 -26.63
C THR A 423 17.51 -28.02 -25.60
N ALA A 424 17.80 -26.74 -25.99
CA ALA A 424 18.49 -25.78 -25.14
C ALA A 424 17.77 -25.55 -23.82
N LEU A 425 16.42 -25.44 -23.85
CA LEU A 425 15.61 -25.25 -22.64
C LEU A 425 15.67 -26.48 -21.72
N GLU A 426 15.68 -27.69 -22.31
CA GLU A 426 15.78 -28.93 -21.53
C GLU A 426 17.11 -29.02 -20.79
N LYS A 427 18.23 -28.55 -21.43
CA LYS A 427 19.55 -28.52 -20.78
C LYS A 427 19.53 -27.58 -19.57
N ILE A 428 18.98 -26.35 -19.76
CA ILE A 428 18.92 -25.34 -18.70
C ILE A 428 18.14 -25.86 -17.49
N ILE A 429 16.94 -26.41 -17.71
CA ILE A 429 16.10 -26.90 -16.62
C ILE A 429 16.70 -28.15 -15.94
N THR A 430 17.34 -29.05 -16.73
CA THR A 430 18.02 -30.22 -16.17
C THR A 430 19.14 -29.77 -15.21
N GLN A 431 19.94 -28.77 -15.65
CA GLN A 431 21.03 -28.26 -14.82
C GLN A 431 20.53 -27.40 -13.67
N LYS A 432 19.41 -26.69 -13.87
CA LYS A 432 18.79 -25.88 -12.82
C LYS A 432 18.21 -26.80 -11.72
N TYR A 433 17.61 -27.93 -12.14
CA TYR A 433 17.02 -28.90 -11.23
C TYR A 433 18.10 -29.54 -10.34
N ILE A 434 19.18 -30.11 -10.97
CA ILE A 434 20.29 -30.75 -10.22
C ILE A 434 20.95 -29.75 -9.25
N ALA A 435 21.11 -28.47 -9.68
CA ALA A 435 21.71 -27.43 -8.85
C ALA A 435 20.80 -27.05 -7.65
N GLY A 436 19.54 -27.48 -7.70
CA GLY A 436 18.57 -27.17 -6.65
C GLY A 436 18.27 -28.32 -5.70
N ILE A 437 18.88 -29.50 -5.94
CA ILE A 437 18.64 -30.68 -5.09
C ILE A 437 19.35 -30.54 -3.72
N PRO A 438 18.60 -30.68 -2.58
CA PRO A 438 17.17 -30.93 -2.47
C PRO A 438 16.37 -29.71 -1.94
N ASP A 439 17.08 -28.68 -1.39
CA ASP A 439 16.45 -27.53 -0.68
C ASP A 439 15.58 -26.66 -1.58
N LEU A 440 15.79 -26.72 -2.91
CA LEU A 440 14.99 -25.93 -3.84
C LEU A 440 13.85 -26.76 -4.47
N ALA A 441 13.33 -27.77 -3.71
CA ALA A 441 12.25 -28.66 -4.18
C ALA A 441 11.02 -27.88 -4.67
N GLN A 442 10.69 -26.75 -3.98
CA GLN A 442 9.54 -25.93 -4.37
C GLN A 442 9.74 -25.34 -5.76
N GLU A 443 10.99 -24.90 -6.07
CA GLU A 443 11.32 -24.40 -7.40
C GLU A 443 11.39 -25.52 -8.43
N GLY A 444 11.76 -26.72 -7.96
CA GLY A 444 11.73 -27.92 -8.79
C GLY A 444 10.32 -28.32 -9.17
N TRP A 445 9.38 -28.21 -8.20
CA TRP A 445 7.96 -28.49 -8.44
C TRP A 445 7.32 -27.38 -9.28
N ASN A 446 7.77 -26.11 -9.07
CA ASN A 446 7.28 -24.95 -9.83
C ASN A 446 7.62 -25.08 -11.32
N ASP A 447 8.90 -25.41 -11.65
CA ASP A 447 9.34 -25.56 -13.05
C ASP A 447 8.75 -26.80 -13.72
N LYS A 448 8.42 -27.84 -12.91
CA LYS A 448 7.79 -29.06 -13.44
C LYS A 448 6.32 -28.78 -13.83
N ARG A 449 5.65 -27.89 -13.09
CA ARG A 449 4.29 -27.47 -13.41
C ARG A 449 4.30 -26.45 -14.54
N ARG A 450 5.32 -25.59 -14.58
CA ARG A 450 5.37 -24.49 -15.54
C ARG A 450 5.82 -24.97 -16.95
N LEU A 451 6.79 -25.90 -17.02
CA LEU A 451 7.36 -26.32 -18.31
C LEU A 451 7.30 -27.85 -18.52
N ASN A 452 6.80 -28.60 -17.50
CA ASN A 452 6.84 -30.08 -17.50
C ASN A 452 8.31 -30.58 -17.56
N LEU A 453 9.25 -29.74 -17.07
CA LEU A 453 10.66 -30.06 -17.11
C LEU A 453 11.25 -30.12 -15.69
N PRO A 454 12.27 -30.97 -15.46
CA PRO A 454 12.88 -31.92 -16.40
C PRO A 454 12.01 -33.16 -16.60
N ARG A 455 12.47 -34.10 -17.44
CA ARG A 455 11.79 -35.36 -17.62
C ARG A 455 11.74 -36.12 -16.29
N LEU A 456 10.54 -36.51 -15.87
CA LEU A 456 10.38 -37.33 -14.68
C LEU A 456 9.52 -38.53 -15.00
N ASP A 457 9.74 -39.66 -14.31
CA ASP A 457 8.90 -40.83 -14.46
C ASP A 457 7.53 -40.56 -13.89
N VAL A 458 6.48 -41.05 -14.54
CA VAL A 458 5.13 -40.95 -14.00
C VAL A 458 5.00 -41.93 -12.82
N ALA A 459 4.36 -41.49 -11.72
CA ALA A 459 4.19 -42.33 -10.53
C ALA A 459 3.48 -43.64 -10.88
N VAL A 460 3.94 -44.77 -10.30
CA VAL A 460 3.36 -46.10 -10.57
C VAL A 460 1.85 -46.10 -10.25
N TYR A 461 1.48 -45.59 -9.07
CA TYR A 461 0.09 -45.46 -8.68
C TYR A 461 -0.23 -44.05 -8.23
N ARG A 462 -1.37 -43.51 -8.68
CA ARG A 462 -1.84 -42.19 -8.27
C ARG A 462 -3.31 -42.27 -7.87
N ASP A 463 -3.76 -41.35 -6.99
CA ASP A 463 -5.16 -41.30 -6.51
C ASP A 463 -6.15 -41.61 -7.66
N GLN A 464 -6.73 -42.85 -7.67
CA GLN A 464 -7.61 -43.30 -8.75
C GLN A 464 -8.92 -42.48 -8.85
N ALA A 465 -9.27 -41.74 -7.78
CA ALA A 465 -10.43 -40.86 -7.80
C ALA A 465 -10.11 -39.57 -8.55
N VAL A 466 -8.81 -39.34 -8.85
CA VAL A 466 -8.36 -38.12 -9.51
C VAL A 466 -7.62 -38.45 -10.84
N TYR A 467 -6.89 -39.59 -10.87
CA TYR A 467 -6.02 -39.93 -12.00
C TYR A 467 -6.41 -41.22 -12.68
N ASN A 468 -6.14 -41.30 -14.00
CA ASN A 468 -6.27 -42.54 -14.77
C ASN A 468 -4.89 -43.22 -14.82
N ASN A 469 -4.72 -44.32 -14.06
CA ASN A 469 -3.43 -45.00 -13.91
C ASN A 469 -2.89 -45.60 -15.23
N ASN A 470 -3.77 -45.81 -16.23
CA ASN A 470 -3.33 -46.32 -17.55
C ASN A 470 -2.60 -45.23 -18.35
N ASP A 471 -2.81 -43.95 -17.97
CA ASP A 471 -2.17 -42.81 -18.64
C ASP A 471 -0.81 -42.50 -17.97
N LYS A 472 0.30 -43.00 -18.56
CA LYS A 472 1.64 -42.75 -18.02
C LYS A 472 2.53 -41.99 -19.03
N ASP A 473 1.91 -41.17 -19.90
CA ASP A 473 2.65 -40.37 -20.88
C ASP A 473 3.46 -39.28 -20.17
N ILE A 474 4.81 -39.35 -20.28
CA ILE A 474 5.71 -38.38 -19.62
C ILE A 474 5.57 -36.97 -20.22
N LEU A 475 5.03 -36.87 -21.44
CA LEU A 475 4.88 -35.60 -22.14
C LEU A 475 3.60 -34.87 -21.71
N LYS A 476 2.74 -35.54 -20.92
CA LYS A 476 1.51 -34.92 -20.41
C LYS A 476 1.74 -34.37 -19.01
N SER A 477 1.73 -33.02 -18.88
CA SER A 477 1.96 -32.35 -17.60
C SER A 477 0.84 -32.65 -16.58
N ALA A 478 -0.35 -33.07 -17.08
CA ALA A 478 -1.50 -33.42 -16.23
C ALA A 478 -1.28 -34.76 -15.48
N ASN A 479 -0.21 -35.51 -15.83
CA ASN A 479 0.14 -36.76 -15.13
C ASN A 479 0.92 -36.48 -13.84
N PHE A 480 1.28 -35.22 -13.62
CA PHE A 480 2.03 -34.81 -12.44
C PHE A 480 1.21 -33.83 -11.59
N ILE A 481 1.26 -33.99 -10.24
CA ILE A 481 0.45 -33.16 -9.32
C ILE A 481 0.55 -31.65 -9.62
N LYS A 482 -0.59 -30.96 -9.64
CA LYS A 482 -0.65 -29.54 -10.00
C LYS A 482 -0.63 -28.65 -8.76
N ARG A 483 -1.24 -29.12 -7.65
CA ARG A 483 -1.35 -28.32 -6.43
C ARG A 483 -1.68 -29.17 -5.22
N ARG A 485 -4.32 -29.57 -2.01
CA ARG A 485 -5.70 -29.15 -1.72
C ARG A 485 -5.75 -28.22 -0.54
N TYR A 486 -6.77 -27.33 -0.49
CA TYR A 486 -7.01 -26.47 0.67
C TYR A 486 -7.35 -27.33 1.88
N PRO A 487 -7.13 -26.84 3.12
CA PRO A 487 -7.66 -27.56 4.29
C PRO A 487 -9.18 -27.63 4.23
N THR A 488 -9.76 -28.83 4.45
CA THR A 488 -11.22 -29.03 4.34
C THR A 488 -12.00 -28.21 5.37
N LYS A 489 -11.31 -27.77 6.46
CA LYS A 489 -11.97 -26.95 7.49
C LYS A 489 -12.31 -25.54 6.96
N GLU A 490 -11.68 -25.13 5.83
CA GLU A 490 -11.95 -23.85 5.19
C GLU A 490 -13.34 -23.83 4.56
N SER A 491 -13.84 -24.99 4.12
CA SER A 491 -15.18 -25.10 3.53
C SER A 491 -16.27 -25.06 4.62
N LEU A 492 -15.88 -25.19 5.90
CA LEU A 492 -16.83 -25.27 7.00
C LEU A 492 -16.90 -23.97 7.82
N ILE A 493 -15.73 -23.44 8.23
CA ILE A 493 -15.69 -22.23 9.09
C ILE A 493 -15.31 -20.96 8.31
N ASN A 494 -15.01 -21.10 7.00
CA ASN A 494 -14.67 -19.96 6.14
C ASN A 494 -15.28 -20.18 4.73
N ALA A 495 -16.56 -20.67 4.69
CA ALA A 495 -17.24 -21.11 3.45
C ALA A 495 -17.25 -20.05 2.35
N THR A 496 -17.69 -18.81 2.67
CA THR A 496 -17.80 -17.73 1.67
C THR A 496 -16.46 -17.51 0.93
N GLU A 497 -15.36 -17.37 1.68
CA GLU A 497 -14.04 -17.13 1.10
C GLU A 497 -13.48 -18.40 0.42
N TYR A 498 -13.83 -19.58 0.95
CA TYR A 498 -13.39 -20.86 0.35
C TYR A 498 -13.98 -21.05 -1.04
N GLU A 499 -15.28 -20.73 -1.21
CA GLU A 499 -15.96 -20.83 -2.52
C GLU A 499 -15.36 -19.84 -3.51
N LYS A 500 -14.92 -18.64 -3.02
CA LYS A 500 -14.26 -17.64 -3.86
CA LYS A 500 -14.26 -17.62 -3.85
C LYS A 500 -12.93 -18.17 -4.39
N GLY A 501 -12.18 -18.86 -3.53
CA GLY A 501 -10.92 -19.49 -3.90
C GLY A 501 -11.11 -20.65 -4.86
N LYS A 502 -12.20 -21.42 -4.64
CA LYS A 502 -12.56 -22.53 -5.54
C LYS A 502 -12.94 -21.99 -6.93
N SER A 503 -13.69 -20.86 -6.97
CA SER A 503 -14.10 -20.24 -8.23
C SER A 503 -12.87 -19.71 -9.00
N LEU A 505 -9.79 -20.95 -8.79
CA LEU A 505 -9.11 -22.13 -9.32
C LEU A 505 -9.73 -22.60 -10.62
N GLY A 506 -11.08 -22.63 -10.65
CA GLY A 506 -11.83 -23.09 -11.81
C GLY A 506 -11.67 -24.57 -12.07
N GLY A 507 -12.07 -25.01 -13.26
CA GLY A 507 -11.97 -26.40 -13.68
C GLY A 507 -12.77 -27.35 -12.81
N LYS A 508 -12.11 -28.43 -12.33
CA LYS A 508 -12.78 -29.44 -11.51
CA LYS A 508 -12.78 -29.45 -11.52
C LYS A 508 -12.90 -29.03 -10.04
N GLY A 509 -12.22 -27.95 -9.66
CA GLY A 509 -12.32 -27.39 -8.32
C GLY A 509 -11.11 -27.59 -7.44
N ASP A 510 -11.35 -27.80 -6.12
CA ASP A 510 -10.29 -27.92 -5.12
C ASP A 510 -9.75 -29.36 -5.06
N ILE A 511 -9.03 -29.77 -6.11
CA ILE A 511 -8.36 -31.07 -6.15
C ILE A 511 -6.92 -30.90 -6.59
N VAL A 512 -6.12 -31.98 -6.52
CA VAL A 512 -4.67 -31.92 -6.82
C VAL A 512 -4.36 -31.73 -8.32
N SER A 513 -5.34 -32.01 -9.20
CA SER A 513 -5.11 -31.99 -10.64
C SER A 513 -5.49 -30.64 -11.30
N THR A 514 -6.00 -29.68 -10.51
CA THR A 514 -6.38 -28.37 -11.06
C THR A 514 -5.14 -27.48 -11.27
N PRO A 515 -4.83 -27.12 -12.54
CA PRO A 515 -3.62 -26.29 -12.78
C PRO A 515 -3.78 -24.88 -12.23
N LEU A 516 -2.72 -24.34 -11.64
CA LEU A 516 -2.75 -22.99 -11.08
C LEU A 516 -2.73 -21.94 -12.18
N TRP A 517 -2.98 -20.65 -11.79
CA TRP A 517 -3.05 -19.53 -12.74
C TRP A 517 -1.84 -19.50 -13.71
N TRP A 518 -0.60 -19.58 -13.17
CA TRP A 518 0.61 -19.53 -13.99
C TRP A 518 0.89 -20.86 -14.71
N ASP A 519 0.07 -21.90 -14.44
CA ASP A 519 0.26 -23.23 -15.05
C ASP A 519 -0.72 -23.44 -16.22
N LYS A 520 -0.20 -23.46 -17.45
CA LYS A 520 -1.02 -23.67 -18.65
C LYS A 520 -0.86 -25.12 -19.17
N ASN A 521 -0.30 -26.03 -18.32
CA ASN A 521 0.03 -27.41 -18.70
C ASN A 521 0.94 -27.45 -19.94
N SER A 522 1.84 -26.45 -20.07
CA SER A 522 2.79 -26.37 -21.17
C SER A 522 3.80 -27.48 -21.08
N ASN A 523 4.03 -28.17 -22.19
CA ASN A 523 5.03 -29.23 -22.23
C ASN A 523 6.19 -28.82 -23.10
N TYR A 524 7.40 -28.80 -22.52
CA TYR A 524 8.61 -28.52 -23.27
C TYR A 524 9.57 -29.72 -23.24
N CYS A 525 9.07 -30.87 -22.76
CA CYS A 525 9.83 -32.12 -22.77
C CYS A 525 9.70 -32.80 -24.13
N THR A 526 10.83 -33.11 -24.77
CA THR A 526 10.85 -33.75 -26.09
C THR A 526 11.49 -35.16 -26.01
N SER A 527 11.63 -35.71 -24.78
CA SER A 527 12.21 -37.05 -24.59
C SER A 527 11.34 -38.11 -25.27
N SER A 528 11.98 -39.06 -25.98
CA SER A 528 11.27 -40.12 -26.70
C SER A 528 10.80 -41.23 -25.75
N LYS A 529 11.50 -41.42 -24.61
CA LYS A 529 11.15 -42.47 -23.64
C LYS A 529 11.17 -41.91 -22.19
N ASN B 15 -0.68 4.37 -22.72
CA ASN B 15 -0.90 4.82 -21.35
C ASN B 15 -0.71 6.35 -21.23
N ASN B 17 -1.48 8.97 -19.23
CA ASN B 17 -1.96 9.32 -17.90
C ASN B 17 -1.79 10.82 -17.60
N GLU B 18 -0.90 11.51 -18.34
CA GLU B 18 -0.61 12.93 -18.04
C GLU B 18 -1.84 13.85 -18.21
N PRO B 19 -2.54 13.85 -19.39
CA PRO B 19 -3.74 14.71 -19.52
C PRO B 19 -4.82 14.33 -18.50
N ARG B 20 -4.89 13.03 -18.14
CA ARG B 20 -5.83 12.53 -17.13
C ARG B 20 -5.48 13.09 -15.74
N LEU B 21 -4.20 12.94 -15.31
CA LEU B 21 -3.74 13.46 -14.02
C LEU B 21 -3.84 15.00 -13.96
N ALA B 22 -3.61 15.67 -15.11
CA ALA B 22 -3.72 17.13 -15.20
C ALA B 22 -5.16 17.59 -14.98
N SER B 23 -6.14 16.83 -15.50
CA SER B 23 -7.56 17.17 -15.37
C SER B 23 -8.09 16.97 -13.94
N THR B 24 -7.33 16.24 -13.07
CA THR B 24 -7.76 15.97 -11.69
C THR B 24 -7.40 17.14 -10.75
N LEU B 25 -6.60 18.10 -11.24
CA LEU B 25 -6.22 19.27 -10.44
C LEU B 25 -7.42 20.18 -10.20
N ARG B 26 -7.97 20.79 -11.27
CA ARG B 26 -9.19 21.60 -11.15
C ARG B 26 -10.41 20.71 -10.92
N GLY B 27 -10.40 19.53 -11.55
CA GLY B 27 -11.49 18.57 -11.45
C GLY B 27 -11.76 18.11 -10.04
N GLY B 28 -10.68 17.70 -9.34
CA GLY B 28 -10.77 17.22 -7.95
C GLY B 28 -11.20 18.28 -6.97
N LEU B 29 -10.82 19.55 -7.24
CA LEU B 29 -11.20 20.67 -6.39
C LEU B 29 -12.67 21.05 -6.62
N ILE B 30 -13.23 20.73 -7.83
CA ILE B 30 -14.59 21.09 -8.22
C ILE B 30 -14.79 22.63 -8.27
N ILE B 31 -14.25 23.27 -9.31
CA ILE B 31 -14.41 24.72 -9.51
C ILE B 31 -15.01 24.99 -10.91
N GLU B 32 -15.99 24.17 -11.32
CA GLU B 32 -16.63 24.29 -12.64
C GLU B 32 -17.94 25.12 -12.61
N GLY B 33 -18.19 25.80 -11.48
CA GLY B 33 -19.31 26.73 -11.33
C GLY B 33 -20.70 26.08 -11.28
N ASN B 34 -20.75 24.75 -11.35
CA ASN B 34 -22.03 24.03 -11.37
C ASN B 34 -22.18 23.20 -10.09
N VAL B 35 -21.45 22.07 -9.98
CA VAL B 35 -21.41 21.28 -8.76
C VAL B 35 -20.73 22.08 -7.65
N GLU B 36 -19.81 23.01 -8.05
CA GLU B 36 -19.15 23.93 -7.13
C GLU B 36 -20.17 24.78 -6.36
N GLN B 37 -21.15 25.37 -7.10
CA GLN B 37 -22.18 26.22 -6.47
C GLN B 37 -22.99 25.42 -5.45
N ARG B 38 -23.24 24.15 -5.75
CA ARG B 38 -24.11 23.29 -4.93
C ARG B 38 -23.40 22.67 -3.71
N LEU B 39 -22.07 22.88 -3.58
CA LEU B 39 -21.33 22.39 -2.40
C LEU B 39 -20.65 23.53 -1.62
N LYS B 40 -20.23 24.60 -2.34
CA LYS B 40 -19.49 25.68 -1.71
C LYS B 40 -20.43 26.82 -1.21
N PRO B 41 -20.90 27.77 -2.09
CA PRO B 41 -21.75 28.87 -1.58
C PRO B 41 -23.08 28.38 -0.99
N LEU B 42 -23.70 27.37 -1.59
CA LEU B 42 -25.03 26.94 -1.18
C LEU B 42 -25.02 25.80 -0.15
N GLN B 43 -23.82 25.42 0.36
CA GLN B 43 -23.74 24.42 1.44
C GLN B 43 -22.68 24.78 2.52
N ILE B 44 -21.38 24.40 2.30
CA ILE B 44 -20.34 24.61 3.35
C ILE B 44 -20.11 26.09 3.72
N ASP B 45 -20.44 27.03 2.80
CA ASP B 45 -20.42 28.47 3.13
C ASP B 45 -21.50 28.79 4.14
N PHE B 46 -22.72 28.21 3.96
CA PHE B 46 -23.82 28.38 4.91
C PHE B 46 -23.49 27.72 6.25
N TYR B 47 -22.87 26.53 6.20
CA TYR B 47 -22.57 25.75 7.42
C TYR B 47 -21.51 26.45 8.30
N SER B 48 -20.44 26.98 7.67
CA SER B 48 -19.41 27.74 8.38
C SER B 48 -19.86 29.19 8.58
N GLN B 49 -20.88 29.64 7.80
CA GLN B 49 -21.40 31.02 7.82
C GLN B 49 -20.35 32.05 7.34
N THR B 51 -19.92 32.90 4.06
CA THR B 51 -20.73 33.72 3.14
C THR B 51 -22.17 33.25 3.19
N VAL B 52 -23.12 34.16 2.91
CA VAL B 52 -24.54 33.80 2.92
C VAL B 52 -25.25 34.33 1.66
N ASP B 53 -25.42 33.45 0.66
CA ASP B 53 -26.21 33.79 -0.52
C ASP B 53 -27.64 34.17 -0.07
N GLY B 54 -28.12 35.31 -0.56
CA GLY B 54 -29.41 35.86 -0.13
C GLY B 54 -30.63 35.04 -0.54
N GLY B 55 -30.42 34.04 -1.41
CA GLY B 55 -31.50 33.20 -1.92
C GLY B 55 -32.18 32.34 -0.86
N GLY B 56 -33.40 31.88 -1.18
CA GLY B 56 -34.19 31.06 -0.28
C GLY B 56 -33.86 29.58 -0.40
N TRP B 57 -32.58 29.23 -0.18
CA TRP B 57 -32.13 27.83 -0.26
C TRP B 57 -32.37 27.10 1.07
N GLY B 58 -32.94 25.91 0.98
CA GLY B 58 -33.28 25.10 2.16
C GLY B 58 -32.07 24.62 2.94
N THR B 59 -30.90 24.52 2.27
CA THR B 59 -29.65 24.09 2.92
C THR B 59 -29.21 25.09 3.97
N LYS B 60 -29.67 26.36 3.85
CA LYS B 60 -29.46 27.40 4.85
C LYS B 60 -30.12 26.98 6.18
N ASN B 61 -31.25 26.25 6.07
CA ASN B 61 -31.99 25.73 7.23
C ASN B 61 -31.57 24.27 7.51
N TYR B 62 -30.42 23.84 6.95
CA TYR B 62 -29.86 22.48 7.11
C TYR B 62 -30.74 21.38 6.46
N ILE B 63 -31.73 21.78 5.61
CA ILE B 63 -32.53 20.82 4.84
C ILE B 63 -31.72 20.37 3.62
N GLN B 64 -31.42 19.07 3.52
CA GLN B 64 -30.55 18.57 2.47
C GLN B 64 -31.22 18.51 1.11
N ASP B 65 -30.48 18.86 0.06
CA ASP B 65 -30.92 18.65 -1.31
C ASP B 65 -30.21 17.40 -1.84
N ASP B 66 -30.93 16.25 -1.84
CA ASP B 66 -30.35 14.96 -2.22
C ASP B 66 -29.76 14.97 -3.64
N GLU B 67 -30.39 15.73 -4.57
CA GLU B 67 -29.91 15.84 -5.95
C GLU B 67 -28.52 16.52 -5.99
N TRP B 68 -28.29 17.51 -5.08
CA TRP B 68 -26.99 18.17 -4.96
C TRP B 68 -25.95 17.20 -4.39
N ASN B 69 -26.26 16.59 -3.22
CA ASN B 69 -25.34 15.68 -2.51
C ASN B 69 -24.89 14.53 -3.39
N ASN B 70 -25.79 14.00 -4.26
CA ASN B 70 -25.44 12.93 -5.19
C ASN B 70 -24.40 13.41 -6.22
N LEU B 71 -24.60 14.63 -6.78
CA LEU B 71 -23.65 15.21 -7.75
C LEU B 71 -22.28 15.40 -7.11
N VAL B 72 -22.25 15.93 -5.87
CA VAL B 72 -21.02 16.15 -5.11
C VAL B 72 -20.30 14.81 -4.83
N TRP B 73 -21.06 13.83 -4.30
CA TRP B 73 -20.56 12.48 -4.00
C TRP B 73 -19.94 11.84 -5.23
N GLU B 74 -20.70 11.81 -6.36
CA GLU B 74 -20.23 11.18 -7.60
C GLU B 74 -19.00 11.88 -8.18
N GLU B 75 -18.93 13.23 -8.07
CA GLU B 75 -17.81 13.99 -8.65
C GLU B 75 -16.48 13.73 -7.92
N TYR B 76 -16.49 13.72 -6.56
CA TYR B 76 -15.27 13.41 -5.79
C TYR B 76 -14.76 12.01 -6.08
N LEU B 77 -15.66 11.00 -6.06
CA LEU B 77 -15.27 9.61 -6.32
C LEU B 77 -14.81 9.40 -7.77
N LYS B 78 -15.43 10.16 -8.72
CA LYS B 78 -15.02 10.15 -10.13
C LYS B 78 -13.57 10.67 -10.26
N GLN B 79 -13.23 11.74 -9.51
CA GLN B 79 -11.89 12.33 -9.54
C GLN B 79 -10.85 11.44 -8.82
N ILE B 80 -11.25 10.81 -7.68
CA ILE B 80 -10.37 9.87 -6.96
C ILE B 80 -10.06 8.65 -7.85
N ALA B 81 -11.10 8.06 -8.48
CA ALA B 81 -10.93 6.92 -9.38
C ALA B 81 -9.99 7.27 -10.53
N SER B 82 -10.09 8.51 -11.04
CA SER B 82 -9.23 8.98 -12.11
C SER B 82 -7.75 9.05 -11.67
N ILE B 83 -7.49 9.58 -10.44
CA ILE B 83 -6.12 9.63 -9.88
C ILE B 83 -5.59 8.20 -9.67
N ASN B 84 -6.47 7.25 -9.26
CA ASN B 84 -6.08 5.85 -9.07
C ASN B 84 -5.57 5.23 -10.39
N ILE B 85 -6.28 5.49 -11.50
CA ILE B 85 -5.86 5.01 -12.84
C ILE B 85 -4.42 5.47 -13.16
N VAL B 86 -4.09 6.75 -12.83
CA VAL B 86 -2.76 7.33 -13.08
C VAL B 86 -1.68 6.64 -12.24
N ILE B 87 -1.95 6.44 -10.92
CA ILE B 87 -1.01 5.76 -10.02
C ILE B 87 -0.80 4.30 -10.44
N ARG B 88 -1.90 3.53 -10.59
CA ARG B 88 -1.82 2.10 -10.94
C ARG B 88 -1.04 1.85 -12.25
N SER B 89 -1.27 2.70 -13.29
CA SER B 89 -0.60 2.55 -14.59
CA SER B 89 -0.60 2.55 -14.59
C SER B 89 0.91 2.82 -14.50
N LEU B 90 1.31 3.94 -13.85
CA LEU B 90 2.72 4.32 -13.74
C LEU B 90 3.50 3.36 -12.83
N THR B 91 2.89 2.91 -11.70
CA THR B 91 3.54 1.96 -10.78
C THR B 91 3.79 0.62 -11.47
N GLU B 92 2.85 0.19 -12.35
CA GLU B 92 2.98 -1.06 -13.09
C GLU B 92 4.00 -0.92 -14.23
N LYS B 93 3.95 0.21 -14.98
CA LYS B 93 4.86 0.46 -16.10
C LYS B 93 6.32 0.63 -15.62
N ASP B 94 6.58 1.68 -14.82
CA ASP B 94 7.90 1.93 -14.23
C ASP B 94 7.78 2.88 -13.04
N LYS B 95 7.55 2.33 -11.83
CA LYS B 95 7.36 3.11 -10.61
C LYS B 95 8.56 4.01 -10.31
N ASP B 96 9.77 3.52 -10.63
CA ASP B 96 11.01 4.25 -10.35
C ASP B 96 11.16 5.50 -11.25
N ALA B 97 10.82 5.38 -12.56
CA ALA B 97 10.97 6.51 -13.50
C ALA B 97 9.92 7.61 -13.27
N TYR B 98 8.71 7.23 -12.84
CA TYR B 98 7.63 8.20 -12.58
C TYR B 98 7.39 8.39 -11.07
N ALA B 99 8.48 8.30 -10.25
CA ALA B 99 8.37 8.40 -8.79
C ALA B 99 7.87 9.78 -8.33
N ASN B 100 8.23 10.87 -9.06
CA ASN B 100 7.78 12.23 -8.70
C ASN B 100 6.32 12.45 -9.09
N THR B 101 5.89 11.83 -10.20
CA THR B 101 4.51 11.91 -10.66
C THR B 101 3.59 11.10 -9.72
N ILE B 102 4.06 9.91 -9.29
CA ILE B 102 3.30 9.04 -8.38
C ILE B 102 3.21 9.66 -6.99
N ALA B 103 4.34 10.22 -6.49
CA ALA B 103 4.37 10.88 -5.17
C ALA B 103 3.37 12.04 -5.11
N PHE B 104 3.30 12.86 -6.20
CA PHE B 104 2.33 13.97 -6.28
C PHE B 104 0.90 13.44 -6.36
N ALA B 105 0.66 12.41 -7.19
CA ALA B 105 -0.66 11.83 -7.37
C ALA B 105 -1.21 11.32 -6.05
N ARG B 106 -0.34 10.68 -5.23
CA ARG B 106 -0.69 10.20 -3.88
C ARG B 106 -1.17 11.36 -2.99
N ILE B 107 -0.43 12.49 -3.01
CA ILE B 107 -0.76 13.68 -2.20
C ILE B 107 -2.12 14.26 -2.62
N TRP B 108 -2.33 14.44 -3.95
CA TRP B 108 -3.58 15.02 -4.46
C TRP B 108 -4.76 14.08 -4.26
N ARG B 109 -4.52 12.77 -4.28
CA ARG B 109 -5.54 11.76 -3.99
C ARG B 109 -6.01 11.90 -2.52
N VAL B 110 -5.06 12.16 -1.60
CA VAL B 110 -5.39 12.38 -0.20
C VAL B 110 -6.20 13.67 -0.03
N TYR B 111 -5.70 14.80 -0.60
CA TYR B 111 -6.35 16.12 -0.47
C TYR B 111 -7.79 16.11 -0.98
N VAL B 112 -8.02 15.59 -2.21
CA VAL B 112 -9.37 15.56 -2.81
C VAL B 112 -10.34 14.73 -1.94
N HIS B 113 -9.87 13.58 -1.39
CA HIS B 113 -10.73 12.71 -0.57
C HIS B 113 -11.10 13.38 0.77
N THR B 114 -10.21 14.24 1.33
CA THR B 114 -10.52 14.96 2.59
C THR B 114 -11.75 15.83 2.41
N LEU B 115 -11.87 16.50 1.23
CA LEU B 115 -13.01 17.37 0.90
C LEU B 115 -14.32 16.57 0.86
N ALA B 116 -14.25 15.28 0.51
CA ALA B 116 -15.43 14.41 0.49
C ALA B 116 -15.71 13.83 1.88
N ALA B 117 -14.67 13.28 2.55
CA ALA B 117 -14.81 12.61 3.85
C ALA B 117 -15.20 13.58 4.98
N ASP B 118 -14.73 14.83 4.92
CA ASP B 118 -15.07 15.84 5.94
C ASP B 118 -16.51 16.33 5.76
N LYS B 119 -17.13 16.01 4.59
CA LYS B 119 -18.52 16.40 4.32
C LYS B 119 -19.51 15.31 4.72
N PHE B 120 -19.29 14.05 4.26
CA PHE B 120 -20.25 12.95 4.49
C PHE B 120 -19.86 12.08 5.68
N GLY B 121 -18.56 11.91 5.90
CA GLY B 121 -18.05 11.04 6.95
C GLY B 121 -17.58 9.70 6.40
N PRO B 122 -17.83 8.59 7.13
CA PRO B 122 -17.41 7.27 6.62
C PRO B 122 -17.94 6.99 5.23
N PRO B 124 -16.59 5.31 0.89
CA PRO B 124 -15.56 4.58 0.16
C PRO B 124 -14.31 5.41 -0.07
N PHE B 125 -13.15 4.78 -0.03
CA PHE B 125 -11.89 5.41 -0.41
C PHE B 125 -11.19 4.49 -1.42
N PRO B 126 -11.64 4.53 -2.71
CA PRO B 126 -11.16 3.53 -3.68
C PRO B 126 -9.64 3.39 -3.70
N ALA B 127 -9.15 2.14 -3.57
CA ALA B 127 -7.72 1.85 -3.57
C ALA B 127 -7.17 1.90 -4.99
N TYR B 128 -5.91 2.30 -5.15
CA TYR B 128 -5.28 2.37 -6.46
C TYR B 128 -4.60 1.05 -6.84
N GLU B 129 -4.19 0.23 -5.82
CA GLU B 129 -3.48 -1.04 -6.08
C GLU B 129 -4.30 -2.00 -6.95
N ILE B 130 -5.62 -2.14 -6.66
CA ILE B 130 -6.51 -3.02 -7.44
C ILE B 130 -7.77 -2.27 -7.90
N VAL B 131 -8.44 -2.77 -8.96
CA VAL B 131 -9.68 -2.17 -9.46
C VAL B 131 -10.89 -2.78 -8.73
N GLU B 132 -11.36 -2.10 -7.67
CA GLU B 132 -12.48 -2.59 -6.85
C GLU B 132 -13.80 -2.49 -7.61
N ALA B 133 -14.55 -3.62 -7.70
CA ALA B 133 -15.86 -3.63 -8.37
C ALA B 133 -16.85 -2.75 -7.61
N ASN B 134 -16.84 -2.84 -6.28
CA ASN B 134 -17.66 -1.99 -5.42
C ASN B 134 -16.85 -1.56 -4.19
N PRO B 135 -16.15 -0.39 -4.26
CA PRO B 135 -15.30 0.00 -3.13
C PRO B 135 -16.08 0.08 -1.82
N PRO B 136 -15.58 -0.61 -0.75
CA PRO B 136 -16.34 -0.64 0.50
C PRO B 136 -16.26 0.67 1.26
N TYR B 137 -17.29 0.96 2.08
CA TYR B 137 -17.28 2.12 2.96
C TYR B 137 -16.24 1.92 4.05
N LYS B 138 -15.41 2.93 4.29
CA LYS B 138 -14.38 2.83 5.31
C LYS B 138 -14.64 3.81 6.43
N SER B 139 -14.28 3.43 7.68
CA SER B 139 -14.44 4.30 8.83
C SER B 139 -13.52 5.51 8.71
N LEU B 140 -13.86 6.62 9.37
CA LEU B 140 -13.02 7.82 9.35
C LEU B 140 -11.68 7.57 10.01
N LYS B 141 -11.62 6.59 10.95
CA LYS B 141 -10.36 6.20 11.56
C LYS B 141 -9.43 5.58 10.50
N ASP B 142 -9.93 4.60 9.72
CA ASP B 142 -9.15 3.97 8.65
C ASP B 142 -8.83 4.95 7.53
N ILE B 143 -9.79 5.85 7.20
CA ILE B 143 -9.58 6.88 6.18
C ILE B 143 -8.46 7.88 6.61
N TYR B 144 -8.51 8.34 7.88
CA TYR B 144 -7.48 9.27 8.39
C TYR B 144 -6.13 8.59 8.62
N ASP B 145 -6.14 7.32 9.05
CA ASP B 145 -4.89 6.54 9.20
C ASP B 145 -4.22 6.35 7.85
N GLU B 146 -5.02 6.27 6.77
CA GLU B 146 -4.50 6.16 5.42
C GLU B 146 -3.92 7.50 4.95
N TYR B 147 -4.56 8.63 5.35
CA TYR B 147 -4.08 9.97 4.99
C TYR B 147 -2.59 10.14 5.37
N PHE B 148 -2.27 9.99 6.68
CA PHE B 148 -0.90 10.16 7.19
C PHE B 148 0.06 9.16 6.54
N ARG B 149 -0.35 7.88 6.40
CA ARG B 149 0.49 6.83 5.79
C ARG B 149 0.81 7.18 4.33
N GLU B 150 -0.19 7.67 3.56
CA GLU B 150 0.01 8.05 2.17
C GLU B 150 0.85 9.30 2.04
N LEU B 151 0.62 10.30 2.94
CA LEU B 151 1.39 11.55 2.92
C LEU B 151 2.86 11.32 3.29
N ASP B 152 3.12 10.43 4.29
CA ASP B 152 4.51 10.09 4.70
CA ASP B 152 4.50 10.11 4.70
C ASP B 152 5.27 9.40 3.58
N ALA B 153 4.62 8.39 2.93
CA ALA B 153 5.26 7.63 1.85
C ALA B 153 5.47 8.49 0.61
N ALA B 154 4.55 9.46 0.35
CA ALA B 154 4.64 10.34 -0.82
C ALA B 154 5.76 11.34 -0.68
N ILE B 155 5.99 11.85 0.56
CA ILE B 155 7.12 12.79 0.82
C ILE B 155 8.48 12.05 0.68
N ASN B 156 8.51 10.75 1.02
CA ASN B 156 9.71 9.93 0.87
C ASN B 156 9.81 9.35 -0.56
N GLY B 157 8.70 9.40 -1.29
CA GLY B 157 8.61 8.85 -2.65
C GLY B 157 9.35 9.65 -3.69
N PHE B 158 9.36 11.01 -3.56
CA PHE B 158 10.04 11.88 -4.52
C PHE B 158 11.52 11.50 -4.68
N ASN B 159 12.02 11.54 -5.94
CA ASN B 159 13.41 11.20 -6.25
C ASN B 159 13.93 12.06 -7.40
N ASP B 160 15.09 12.71 -7.20
CA ASP B 160 15.69 13.61 -8.21
C ASP B 160 16.10 12.85 -9.50
N SER B 161 16.31 11.52 -9.39
CA SER B 161 16.68 10.70 -10.54
C SER B 161 15.47 10.42 -11.45
N ALA B 162 14.25 10.43 -10.86
CA ALA B 162 13.03 10.17 -11.61
C ALA B 162 12.64 11.37 -12.49
N GLN B 163 11.69 11.14 -13.44
CA GLN B 163 11.20 12.20 -14.33
C GLN B 163 10.45 13.28 -13.51
N PRO B 164 10.38 14.55 -14.01
CA PRO B 164 9.61 15.57 -13.27
C PRO B 164 8.13 15.21 -13.15
N ILE B 165 7.40 15.83 -12.19
CA ILE B 165 5.96 15.55 -11.97
C ILE B 165 5.20 15.56 -13.30
N PHE B 166 5.33 16.65 -14.08
CA PHE B 166 4.76 16.73 -15.42
C PHE B 166 5.86 17.02 -16.46
N SER B 167 5.60 16.68 -17.75
CA SER B 167 6.56 16.94 -18.82
C SER B 167 6.76 18.45 -19.03
N ASP B 168 5.70 19.23 -18.80
CA ASP B 168 5.76 20.69 -18.88
C ASP B 168 5.44 21.29 -17.50
N ALA B 169 6.27 22.24 -17.03
CA ALA B 169 6.08 22.87 -15.72
C ALA B 169 4.73 23.60 -15.63
N GLY B 170 4.28 24.18 -16.76
CA GLY B 170 3.03 24.92 -16.82
C GLY B 170 1.79 24.08 -16.51
N ILE B 171 1.91 22.74 -16.65
CA ILE B 171 0.79 21.82 -16.35
C ILE B 171 0.45 21.82 -14.85
N ASP B 172 1.48 21.81 -13.98
CA ASP B 172 1.27 21.88 -12.53
C ASP B 172 0.80 23.30 -12.15
N LEU B 173 -0.51 23.49 -12.06
CA LEU B 173 -1.11 24.81 -11.81
C LEU B 173 -0.78 25.35 -10.40
N ILE B 174 -0.37 24.47 -9.47
CA ILE B 174 -0.11 24.88 -8.08
C ILE B 174 1.34 25.28 -7.84
N TYR B 175 2.31 24.38 -8.15
CA TYR B 175 3.70 24.65 -7.82
C TYR B 175 4.66 24.58 -9.02
N LYS B 176 4.11 24.37 -10.25
CA LYS B 176 4.91 24.33 -11.49
C LYS B 176 6.11 23.35 -11.39
N ASN B 177 5.83 22.09 -10.95
CA ASN B 177 6.84 21.01 -10.83
C ASN B 177 7.82 21.16 -9.64
N ASP B 178 7.60 22.17 -8.78
CA ASP B 178 8.45 22.36 -7.61
C ASP B 178 8.17 21.28 -6.56
N VAL B 179 9.06 20.26 -6.48
CA VAL B 179 8.91 19.12 -5.57
C VAL B 179 8.94 19.56 -4.09
N SER B 180 9.88 20.47 -3.74
CA SER B 180 10.03 20.94 -2.35
C SER B 180 8.76 21.63 -1.85
N LYS B 181 8.06 22.38 -2.72
CA LYS B 181 6.81 23.04 -2.35
C LYS B 181 5.67 22.04 -2.20
N TRP B 182 5.73 20.91 -2.95
CA TRP B 182 4.76 19.83 -2.81
C TRP B 182 4.97 19.06 -1.51
N LYS B 183 6.24 18.96 -1.05
CA LYS B 183 6.55 18.34 0.23
C LYS B 183 6.04 19.20 1.38
N ARG B 184 6.20 20.54 1.27
CA ARG B 184 5.69 21.49 2.28
C ARG B 184 4.17 21.42 2.38
N PHE B 185 3.46 21.37 1.21
CA PHE B 185 2.01 21.26 1.17
C PHE B 185 1.53 19.94 1.79
N ALA B 186 2.16 18.80 1.40
CA ALA B 186 1.81 17.48 1.94
C ALA B 186 2.09 17.42 3.44
N ASN B 187 3.14 18.11 3.90
CA ASN B 187 3.49 18.16 5.32
C ASN B 187 2.52 19.07 6.08
N SER B 188 2.04 20.15 5.42
CA SER B 188 1.08 21.07 6.02
C SER B 188 -0.29 20.42 6.11
N LEU B 189 -0.61 19.55 5.15
CA LEU B 189 -1.85 18.78 5.18
C LEU B 189 -1.80 17.77 6.33
N ARG B 190 -0.61 17.18 6.58
CA ARG B 190 -0.40 16.26 7.70
C ARG B 190 -0.68 16.98 9.02
N LEU B 191 -0.21 18.24 9.14
CA LEU B 191 -0.48 19.05 10.33
C LEU B 191 -1.97 19.41 10.44
N ARG B 192 -2.63 19.71 9.30
CA ARG B 192 -4.06 20.04 9.26
C ARG B 192 -4.92 18.84 9.72
N LEU B 193 -4.64 17.64 9.17
CA LEU B 193 -5.40 16.44 9.48
C LEU B 193 -5.06 15.89 10.89
N ALA B 194 -3.88 16.27 11.44
CA ALA B 194 -3.50 15.87 12.79
C ALA B 194 -4.29 16.66 13.83
N VAL B 195 -4.40 18.00 13.63
CA VAL B 195 -5.17 18.87 14.55
C VAL B 195 -6.67 18.53 14.51
N ARG B 196 -7.13 17.90 13.41
CA ARG B 196 -8.51 17.43 13.28
C ARG B 196 -8.85 16.38 14.37
N LEU B 197 -7.80 15.69 14.91
CA LEU B 197 -7.99 14.59 15.85
C LEU B 197 -7.73 14.99 17.33
N THR B 198 -7.77 16.33 17.64
CA THR B 198 -7.52 16.80 19.03
C THR B 198 -8.52 16.21 20.04
N GLU B 199 -9.76 15.92 19.60
CA GLU B 199 -10.83 15.47 20.50
C GLU B 199 -10.97 13.94 20.51
N VAL B 200 -10.84 13.29 19.33
CA VAL B 200 -11.06 11.83 19.24
C VAL B 200 -9.80 11.02 19.63
N ASP B 201 -8.59 11.54 19.33
CA ASP B 201 -7.35 10.82 19.63
C ASP B 201 -6.17 11.79 19.78
N GLN B 202 -5.90 12.23 21.04
CA GLN B 202 -4.78 13.16 21.32
C GLN B 202 -3.45 12.53 21.00
N GLU B 203 -3.29 11.21 21.32
CA GLU B 203 -2.02 10.50 21.08
C GLU B 203 -1.62 10.53 19.60
N LYS B 204 -2.58 10.23 18.70
CA LYS B 204 -2.31 10.27 17.27
C LYS B 204 -2.18 11.71 16.76
N CYS B 205 -3.03 12.63 17.27
CA CYS B 205 -2.94 14.05 16.91
C CYS B 205 -1.52 14.57 17.17
N ILE B 206 -1.04 14.44 18.41
CA ILE B 206 0.25 14.96 18.83
C ILE B 206 1.41 14.25 18.09
N ALA B 207 1.31 12.91 17.92
CA ALA B 207 2.35 12.14 17.22
C ALA B 207 2.46 12.55 15.75
N GLU B 208 1.32 12.74 15.06
CA GLU B 208 1.31 13.15 13.65
C GLU B 208 1.72 14.62 13.48
N ALA B 209 1.31 15.49 14.44
CA ALA B 209 1.69 16.90 14.40
C ALA B 209 3.18 17.09 14.66
N ASN B 210 3.76 16.28 15.60
CA ASN B 210 5.20 16.32 15.89
C ASN B 210 6.00 15.88 14.68
N ALA B 211 5.52 14.85 13.96
CA ALA B 211 6.18 14.37 12.73
C ALA B 211 6.12 15.44 11.64
N ALA B 212 5.00 16.20 11.58
CA ALA B 212 4.82 17.27 10.58
C ALA B 212 5.73 18.47 10.89
N ILE B 213 5.81 18.86 12.17
CA ILE B 213 6.63 20.02 12.59
C ILE B 213 8.15 19.69 12.54
N SER B 214 8.51 18.42 12.81
CA SER B 214 9.92 17.99 12.85
C SER B 214 10.44 17.57 11.46
N SER B 215 9.53 17.38 10.48
CA SER B 215 9.90 16.91 9.14
C SER B 215 10.93 17.83 8.47
N PRO B 216 11.99 17.24 7.85
CA PRO B 216 12.99 18.07 7.15
C PRO B 216 12.44 18.71 5.86
N ALA B 217 11.27 18.20 5.39
CA ALA B 217 10.61 18.72 4.19
C ALA B 217 10.07 20.16 4.42
N GLY B 218 9.76 20.48 5.67
CA GLY B 218 9.25 21.79 6.05
C GLY B 218 7.77 21.94 5.81
N LEU B 219 7.21 23.10 6.19
CA LEU B 219 5.79 23.40 6.00
C LEU B 219 5.63 24.65 5.12
N ILE B 220 4.37 25.04 4.81
CA ILE B 220 4.12 26.33 4.18
C ILE B 220 4.42 27.43 5.22
N SER B 221 5.68 27.94 5.23
CA SER B 221 6.13 28.88 6.26
CA SER B 221 6.15 28.87 6.26
C SER B 221 6.15 30.33 5.77
N ASP B 222 5.97 30.54 4.45
CA ASP B 222 5.89 31.91 3.91
C ASP B 222 4.96 31.98 2.69
N LYS B 223 4.59 33.21 2.26
CA LYS B 223 3.64 33.43 1.16
C LYS B 223 4.08 32.78 -0.16
N ALA B 224 5.39 32.56 -0.33
CA ALA B 224 5.92 31.93 -1.55
C ALA B 224 5.54 30.43 -1.63
N ASP B 225 5.20 29.82 -0.49
CA ASP B 225 4.85 28.39 -0.43
C ASP B 225 3.33 28.16 -0.53
N ASN B 226 2.52 29.25 -0.42
CA ASN B 226 1.05 29.16 -0.43
C ASN B 226 0.52 28.34 -1.62
N ALA B 227 -0.48 27.48 -1.36
CA ALA B 227 -1.09 26.67 -2.41
C ALA B 227 -2.32 27.36 -3.00
N TYR B 228 -2.28 27.63 -4.31
CA TYR B 228 -3.40 28.26 -5.00
C TYR B 228 -3.86 27.39 -6.17
N PRO B 230 -5.38 28.36 -9.77
CA PRO B 230 -5.86 29.42 -10.66
C PRO B 230 -6.97 28.93 -11.59
N PRO B 231 -8.03 29.74 -11.78
CA PRO B 231 -9.07 29.34 -12.73
C PRO B 231 -8.62 29.56 -14.18
N LYS B 232 -9.31 28.95 -15.16
CA LYS B 232 -8.98 29.14 -16.57
C LYS B 232 -9.06 30.61 -16.97
N ALA B 233 -10.17 31.30 -16.58
CA ALA B 233 -10.41 32.71 -16.94
C ALA B 233 -10.17 32.96 -18.44
N ASP B 234 -10.66 32.02 -19.30
CA ASP B 234 -10.43 32.09 -20.74
C ASP B 234 -11.74 32.35 -21.54
N GLY B 235 -12.80 32.70 -20.82
CA GLY B 235 -14.10 32.97 -21.42
C GLY B 235 -15.06 31.80 -21.34
N SER B 236 -14.54 30.60 -20.99
CA SER B 236 -15.36 29.40 -20.85
C SER B 236 -16.33 29.55 -19.69
N TRP B 237 -17.56 29.05 -19.84
CA TRP B 237 -18.59 29.14 -18.80
C TRP B 237 -18.16 28.42 -17.53
N GLY B 238 -18.28 29.11 -16.39
CA GLY B 238 -18.00 28.55 -15.08
C GLY B 238 -16.54 28.15 -14.86
N GLN B 239 -15.61 28.80 -15.61
CA GLN B 239 -14.18 28.52 -15.45
C GLN B 239 -13.41 29.73 -14.92
N ASP B 240 -14.11 30.65 -14.23
CA ASP B 240 -13.49 31.80 -13.59
C ASP B 240 -13.47 31.59 -12.08
N TYR B 241 -13.09 32.63 -11.29
CA TYR B 241 -13.31 32.61 -9.87
C TYR B 241 -14.80 32.80 -9.67
N ASN B 242 -15.53 31.68 -9.61
CA ASN B 242 -16.96 31.61 -9.89
C ASN B 242 -17.89 32.45 -9.02
N TYR B 243 -17.39 32.98 -7.86
CA TYR B 243 -18.19 33.92 -7.07
C TYR B 243 -18.58 35.13 -7.92
N THR B 244 -17.72 35.50 -8.92
CA THR B 244 -17.99 36.62 -9.83
C THR B 244 -19.25 36.36 -10.67
N PHE B 246 -21.86 34.12 -9.83
CA PHE B 246 -23.02 34.00 -8.94
C PHE B 246 -23.52 35.39 -8.45
N GLN B 247 -22.58 36.24 -7.96
CA GLN B 247 -22.97 37.55 -7.41
C GLN B 247 -23.11 38.64 -8.48
N ILE B 248 -22.07 38.84 -9.31
CA ILE B 248 -22.07 39.94 -10.28
C ILE B 248 -22.90 39.62 -11.53
N THR B 249 -22.49 38.58 -12.30
CA THR B 249 -23.17 38.24 -13.57
C THR B 249 -24.65 37.90 -13.34
N TRP B 250 -24.96 37.12 -12.28
CA TRP B 250 -26.35 36.71 -12.02
C TRP B 250 -27.08 37.64 -11.02
N SER B 251 -26.39 38.72 -10.55
CA SER B 251 -26.98 39.71 -9.63
C SER B 251 -27.61 39.06 -8.36
N GLY B 252 -26.89 38.10 -7.79
CA GLY B 252 -27.30 37.43 -6.57
C GLY B 252 -26.35 37.69 -5.43
N PRO B 253 -26.72 38.63 -4.51
CA PRO B 253 -25.79 38.99 -3.42
C PRO B 253 -25.37 37.79 -2.57
N ILE B 254 -24.05 37.61 -2.37
CA ILE B 254 -23.50 36.63 -1.45
C ILE B 254 -22.97 37.38 -0.24
N CYS B 255 -23.73 37.37 0.86
CA CYS B 255 -23.58 38.32 1.94
C CYS B 255 -22.65 37.90 3.02
N SER B 257 -22.31 37.23 6.89
CA SER B 257 -23.27 36.78 7.89
C SER B 257 -23.26 37.69 9.10
N LYS B 258 -24.36 37.68 9.89
CA LYS B 258 -24.43 38.48 11.12
C LYS B 258 -23.38 37.98 12.12
N SER B 259 -23.14 36.65 12.14
CA SER B 259 -22.12 36.05 13.00
C SER B 259 -20.73 36.64 12.71
N VAL B 260 -20.36 36.73 11.41
CA VAL B 260 -19.06 37.29 11.02
C VAL B 260 -18.96 38.78 11.37
N GLU B 261 -20.08 39.55 11.19
CA GLU B 261 -20.11 40.96 11.58
C GLU B 261 -19.79 41.10 13.07
N LYS B 262 -20.36 40.21 13.91
CA LYS B 262 -20.10 40.20 15.36
C LYS B 262 -18.61 39.89 15.65
N LEU B 263 -17.97 39.05 14.79
CA LEU B 263 -16.58 38.66 14.96
C LEU B 263 -15.59 39.76 14.51
N VAL B 264 -15.96 40.55 13.47
CA VAL B 264 -15.04 41.56 12.89
C VAL B 264 -15.25 42.99 13.45
N THR B 265 -16.40 43.22 14.12
CA THR B 265 -16.72 44.54 14.69
C THR B 265 -15.82 44.88 15.88
N ASN B 266 -15.35 46.16 15.95
CA ASN B 266 -14.62 46.72 17.09
C ASN B 266 -13.20 46.14 17.28
N ILE B 267 -13.05 44.81 17.17
CA ILE B 267 -11.76 44.13 17.40
C ILE B 267 -10.61 44.79 16.60
N GLY B 268 -9.52 45.11 17.29
CA GLY B 268 -8.35 45.73 16.67
C GLY B 268 -8.24 47.22 16.91
N GLY B 269 -9.38 47.85 17.24
CA GLY B 269 -9.42 49.27 17.56
C GLY B 269 -9.24 50.21 16.38
N VAL B 270 -9.05 49.65 15.16
CA VAL B 270 -8.85 50.48 13.96
C VAL B 270 -10.18 51.05 13.47
N ALA B 271 -10.29 52.40 13.38
CA ALA B 271 -11.51 53.08 12.97
C ALA B 271 -11.95 52.68 11.55
N TRP B 272 -13.26 52.80 11.24
CA TRP B 272 -13.81 52.46 9.92
C TRP B 272 -13.07 53.25 8.80
N PRO B 273 -12.57 52.56 7.74
CA PRO B 273 -11.78 53.26 6.72
C PRO B 273 -12.64 54.16 5.82
N GLN B 274 -12.02 55.21 5.24
CA GLN B 274 -12.73 56.14 4.36
C GLN B 274 -12.82 55.60 2.93
N GLY B 275 -13.83 56.06 2.19
CA GLY B 275 -14.01 55.71 0.79
C GLY B 275 -14.47 54.29 0.54
N VAL B 276 -15.24 53.72 1.48
CA VAL B 276 -15.79 52.37 1.31
C VAL B 276 -17.06 52.44 0.48
N VAL B 277 -17.04 51.86 -0.73
CA VAL B 277 -18.18 51.92 -1.65
C VAL B 277 -18.45 50.55 -2.27
N ASN B 278 -19.69 50.31 -2.71
CA ASN B 278 -19.99 49.11 -3.49
C ASN B 278 -19.51 49.36 -4.92
N GLN B 279 -18.54 48.56 -5.39
CA GLN B 279 -17.89 48.81 -6.70
C GLN B 279 -18.74 48.30 -7.91
N THR B 280 -19.91 47.69 -7.64
CA THR B 280 -20.81 47.23 -8.72
C THR B 280 -21.86 48.30 -9.04
N SER B 281 -22.48 48.88 -8.01
CA SER B 281 -23.52 49.90 -8.20
C SER B 281 -22.96 51.32 -8.06
N GLY B 282 -21.79 51.44 -7.42
CA GLY B 282 -21.17 52.73 -7.18
C GLY B 282 -21.71 53.41 -5.94
N VAL B 283 -22.64 52.73 -5.21
CA VAL B 283 -23.26 53.29 -4.01
C VAL B 283 -22.27 53.28 -2.83
N ALA B 284 -22.02 54.47 -2.25
CA ALA B 284 -21.11 54.61 -1.10
C ALA B 284 -21.74 54.02 0.16
N VAL B 285 -20.90 53.64 1.15
CA VAL B 285 -21.38 53.08 2.42
C VAL B 285 -22.31 54.08 3.14
N SER B 286 -23.47 53.61 3.60
CA SER B 286 -24.40 54.43 4.36
C SER B 286 -23.87 54.65 5.78
N SER B 287 -24.69 55.25 6.67
CA SER B 287 -24.30 55.45 8.07
CA SER B 287 -24.31 55.46 8.07
C SER B 287 -24.33 54.12 8.83
N VAL B 288 -24.94 53.08 8.21
CA VAL B 288 -25.01 51.75 8.81
C VAL B 288 -23.65 51.02 8.67
N HIS B 289 -22.76 51.25 9.64
CA HIS B 289 -21.45 50.58 9.70
C HIS B 289 -20.83 50.79 11.12
N PRO B 290 -19.97 49.85 11.60
CA PRO B 290 -19.37 50.04 12.93
C PRO B 290 -18.35 51.18 12.96
N GLU B 291 -18.15 51.80 14.15
CA GLU B 291 -17.14 52.86 14.33
C GLU B 291 -15.74 52.27 14.14
N LYS B 292 -15.50 51.10 14.75
CA LYS B 292 -14.21 50.39 14.65
CA LYS B 292 -14.22 50.39 14.62
C LYS B 292 -14.44 49.01 14.00
N VAL B 293 -13.53 48.58 13.12
CA VAL B 293 -13.68 47.30 12.42
C VAL B 293 -12.32 46.68 12.06
N ASP B 294 -12.26 45.33 11.96
CA ASP B 294 -11.08 44.62 11.47
C ASP B 294 -10.74 45.13 10.05
N PRO B 295 -9.48 45.60 9.81
CA PRO B 295 -9.18 46.23 8.50
C PRO B 295 -9.44 45.31 7.29
N ARG B 296 -9.43 43.99 7.50
CA ARG B 296 -9.68 43.02 6.43
C ARG B 296 -11.16 43.00 6.01
N ALA B 297 -12.09 43.18 6.99
CA ALA B 297 -13.55 43.08 6.76
C ALA B 297 -14.06 43.95 5.57
N PRO B 298 -13.76 45.30 5.51
CA PRO B 298 -14.25 46.11 4.38
C PRO B 298 -13.55 45.78 3.05
N LYS B 299 -12.46 44.99 3.12
CA LYS B 299 -11.77 44.55 1.90
C LYS B 299 -12.29 43.19 1.42
N ILE B 300 -12.84 42.39 2.35
CA ILE B 300 -13.50 41.14 1.98
C ILE B 300 -14.94 41.44 1.51
N PHE B 301 -15.71 42.21 2.32
CA PHE B 301 -17.10 42.51 2.01
C PHE B 301 -17.33 43.99 1.75
N GLN B 302 -17.94 44.32 0.61
CA GLN B 302 -18.31 45.69 0.27
C GLN B 302 -19.76 45.98 0.78
N PRO B 303 -20.19 47.28 0.80
CA PRO B 303 -21.54 47.57 1.32
C PRO B 303 -22.66 47.01 0.44
N GLY B 304 -23.90 47.04 0.96
CA GLY B 304 -25.08 46.61 0.23
C GLY B 304 -25.21 47.27 -1.13
N ILE B 305 -25.52 46.48 -2.17
CA ILE B 305 -25.57 46.98 -3.54
C ILE B 305 -26.70 48.03 -3.75
N GLU B 306 -27.77 47.98 -2.92
CA GLU B 306 -28.93 48.86 -3.11
C GLU B 306 -28.84 50.17 -2.30
N ASN B 307 -28.63 50.09 -0.95
CA ASN B 307 -28.65 51.29 -0.10
C ASN B 307 -27.29 51.60 0.60
N GLY B 308 -26.30 50.73 0.39
CA GLY B 308 -24.96 50.93 0.93
C GLY B 308 -24.81 50.56 2.40
N ASP B 309 -25.81 49.84 2.97
CA ASP B 309 -25.71 49.37 4.35
C ASP B 309 -24.63 48.31 4.47
N TRP B 310 -23.74 48.46 5.45
CA TRP B 310 -22.72 47.46 5.70
C TRP B 310 -23.04 46.71 6.96
N LYS B 311 -23.86 45.67 6.84
CA LYS B 311 -24.25 44.84 7.97
C LYS B 311 -24.37 43.38 7.54
N GLY B 312 -24.25 42.48 8.50
CA GLY B 312 -24.34 41.05 8.24
C GLY B 312 -25.76 40.58 8.08
N LEU B 313 -25.98 39.65 7.14
CA LEU B 313 -27.29 39.05 6.92
C LEU B 313 -27.59 38.01 8.00
N VAL B 314 -28.70 38.21 8.77
CA VAL B 314 -29.12 37.24 9.80
C VAL B 314 -29.33 35.87 9.14
N TYR B 315 -28.72 34.84 9.70
CA TYR B 315 -28.62 33.54 9.04
C TYR B 315 -29.79 32.60 9.33
N GLY B 316 -30.29 31.95 8.28
CA GLY B 316 -31.17 30.80 8.37
C GLY B 316 -32.62 31.05 8.75
N PRO B 317 -33.28 32.11 8.20
CA PRO B 317 -34.73 32.20 8.37
C PRO B 317 -35.44 31.23 7.42
N LYS B 318 -36.78 31.09 7.54
CA LYS B 318 -37.55 30.25 6.62
C LYS B 318 -37.42 30.79 5.18
N ALA B 319 -37.35 29.88 4.18
CA ALA B 319 -37.11 30.24 2.76
C ALA B 319 -38.00 31.39 2.26
N GLU B 320 -39.29 31.43 2.69
CA GLU B 320 -40.23 32.47 2.25
C GLU B 320 -39.89 33.86 2.83
N GLU B 321 -39.06 33.90 3.88
CA GLU B 321 -38.67 35.17 4.51
C GLU B 321 -37.40 35.75 3.88
N ALA B 322 -36.77 35.00 2.95
CA ALA B 322 -35.55 35.47 2.27
C ALA B 322 -35.83 36.73 1.44
N ASN B 323 -34.90 37.72 1.50
CA ASN B 323 -35.02 38.98 0.74
C ASN B 323 -36.25 39.81 1.15
N THR B 324 -36.69 39.67 2.43
CA THR B 324 -37.77 40.47 3.01
C THR B 324 -37.35 41.01 4.37
N GLY B 325 -37.79 42.23 4.70
CA GLY B 325 -37.47 42.86 5.98
C GLY B 325 -35.99 43.02 6.21
N ILE B 326 -35.48 42.44 7.33
CA ILE B 326 -34.05 42.52 7.66
C ILE B 326 -33.21 41.55 6.81
N TYR B 327 -33.90 40.62 6.10
CA TYR B 327 -33.22 39.60 5.31
C TYR B 327 -32.99 40.03 3.84
N GLN B 328 -33.15 41.34 3.55
CA GLN B 328 -32.90 41.87 2.19
C GLN B 328 -31.40 41.83 1.86
N SER B 329 -30.98 40.87 1.01
CA SER B 329 -29.55 40.66 0.66
C SER B 329 -28.94 41.85 -0.08
N LYS B 330 -29.77 42.66 -0.77
CA LYS B 330 -29.28 43.86 -1.47
C LYS B 330 -29.00 45.01 -0.47
N GLN B 331 -29.43 44.83 0.80
CA GLN B 331 -29.21 45.84 1.86
C GLN B 331 -28.23 45.31 2.93
N CYS B 332 -27.55 44.18 2.64
CA CYS B 332 -26.53 43.63 3.52
C CYS B 332 -25.17 43.64 2.83
N ALA B 333 -24.08 43.69 3.61
CA ALA B 333 -22.72 43.66 3.05
C ALA B 333 -22.51 42.41 2.18
N GLU B 334 -21.95 42.59 0.96
CA GLU B 334 -21.72 41.47 0.03
C GLU B 334 -20.24 41.36 -0.35
N LEU B 335 -19.87 40.30 -1.12
CA LEU B 335 -18.47 40.09 -1.52
C LEU B 335 -17.90 41.30 -2.27
N GLY B 336 -16.74 41.79 -1.83
CA GLY B 336 -16.10 42.97 -2.42
C GLY B 336 -14.73 42.69 -3.01
N PHE B 337 -14.03 41.67 -2.51
CA PHE B 337 -12.68 41.31 -3.00
C PHE B 337 -12.76 40.67 -4.41
N ILE B 338 -13.97 40.26 -4.84
CA ILE B 338 -14.17 39.67 -6.17
C ILE B 338 -14.18 40.75 -7.27
N ILE B 339 -13.89 42.02 -6.88
CA ILE B 339 -13.77 43.13 -7.81
C ILE B 339 -12.35 43.74 -7.70
N LYS B 340 -11.59 43.73 -8.82
CA LYS B 340 -10.23 44.26 -8.83
C LYS B 340 -10.04 45.26 -9.97
N ASP B 341 -9.48 46.46 -9.65
CA ASP B 341 -9.24 47.54 -10.63
C ASP B 341 -10.54 47.97 -11.36
N GLY B 342 -11.66 47.95 -10.63
CA GLY B 342 -12.96 48.38 -11.17
C GLY B 342 -13.66 47.35 -12.03
N TYR B 343 -13.13 46.11 -12.09
CA TYR B 343 -13.72 45.04 -12.90
C TYR B 343 -13.78 43.71 -12.13
N PRO B 344 -14.72 42.78 -12.50
CA PRO B 344 -14.79 41.49 -11.78
C PRO B 344 -13.45 40.75 -11.78
N TYR B 345 -13.00 40.31 -10.60
CA TYR B 345 -11.72 39.60 -10.44
C TYR B 345 -11.90 38.12 -10.86
N LYS B 346 -12.17 37.89 -12.17
CA LYS B 346 -12.46 36.55 -12.71
C LYS B 346 -11.23 35.61 -12.66
N SER B 347 -10.02 36.17 -12.73
CA SER B 347 -8.78 35.37 -12.78
C SER B 347 -8.22 35.04 -11.36
N ARG B 348 -8.94 35.45 -10.29
CA ARG B 348 -8.45 35.24 -8.92
C ARG B 348 -8.26 33.74 -8.62
N PRO B 349 -7.05 33.32 -8.17
CA PRO B 349 -6.84 31.92 -7.83
C PRO B 349 -7.57 31.53 -6.55
N TYR B 350 -8.04 30.29 -6.47
CA TYR B 350 -8.67 29.78 -5.26
C TYR B 350 -7.61 29.50 -4.19
N ASP B 351 -7.88 29.90 -2.94
CA ASP B 351 -6.95 29.62 -1.84
C ASP B 351 -7.09 28.20 -1.36
N LEU B 352 -5.99 27.42 -1.42
CA LEU B 352 -5.99 26.00 -0.99
C LEU B 352 -5.38 25.85 0.39
N PHE B 353 -4.15 26.35 0.58
CA PHE B 353 -3.47 26.32 1.87
C PHE B 353 -2.53 27.51 1.99
N LEU B 354 -2.83 28.43 2.94
CA LEU B 354 -2.02 29.64 3.15
C LEU B 354 -1.18 29.51 4.41
N SER B 355 0.01 30.19 4.44
CA SER B 355 0.93 30.13 5.59
C SER B 355 0.26 30.58 6.92
N GLU B 356 -0.81 31.42 6.82
CA GLU B 356 -1.58 31.84 8.01
C GLU B 356 -2.05 30.63 8.79
N GLU B 357 -2.81 29.73 8.11
CA GLU B 357 -3.37 28.53 8.74
C GLU B 357 -2.28 27.69 9.44
N VAL B 358 -1.11 27.50 8.78
CA VAL B 358 0.00 26.73 9.35
C VAL B 358 0.41 27.28 10.72
N HIS B 359 0.48 28.63 10.85
CA HIS B 359 0.80 29.27 12.13
C HIS B 359 -0.29 29.03 13.17
N PHE B 360 -1.59 29.11 12.75
CA PHE B 360 -2.71 28.92 13.68
C PHE B 360 -2.88 27.45 14.10
N LEU B 361 -2.43 26.51 13.25
CA LEU B 361 -2.43 25.08 13.61
C LEU B 361 -1.42 24.82 14.72
N LYS B 362 -0.19 25.37 14.58
CA LYS B 362 0.85 25.25 15.61
C LYS B 362 0.46 26.04 16.86
N ALA B 363 -0.18 27.22 16.67
CA ALA B 363 -0.60 28.06 17.79
C ALA B 363 -1.60 27.33 18.69
N GLU B 364 -2.57 26.60 18.09
CA GLU B 364 -3.55 25.84 18.87
C GLU B 364 -2.89 24.73 19.67
N LEU B 365 -2.00 23.94 19.01
CA LEU B 365 -1.29 22.84 19.67
C LEU B 365 -0.44 23.35 20.85
N TYR B 366 0.18 24.54 20.70
CA TYR B 366 1.03 25.10 21.74
C TYR B 366 0.21 25.70 22.88
N ALA B 367 -0.92 26.36 22.56
CA ALA B 367 -1.78 27.00 23.58
C ALA B 367 -2.50 25.95 24.44
N ARG B 368 -2.80 24.78 23.86
CA ARG B 368 -3.52 23.72 24.56
C ARG B 368 -2.57 22.77 25.32
N GLY B 369 -1.27 23.04 25.25
CA GLY B 369 -0.26 22.26 25.95
C GLY B 369 -0.05 20.88 25.35
N PHE B 370 -0.54 20.66 24.13
CA PHE B 370 -0.39 19.39 23.43
C PHE B 370 1.07 19.19 23.01
N ILE B 371 1.71 20.26 22.51
CA ILE B 371 3.13 20.27 22.16
C ILE B 371 3.79 21.53 22.73
N ALA B 372 5.04 21.40 23.24
CA ALA B 372 5.77 22.55 23.77
C ALA B 372 6.17 23.51 22.64
N GLY B 373 5.84 24.79 22.82
CA GLY B 373 6.13 25.81 21.82
C GLY B 373 5.61 27.18 22.20
N ASP B 374 5.97 28.20 21.41
CA ASP B 374 5.54 29.58 21.66
C ASP B 374 4.21 29.86 20.94
N ALA B 375 3.08 29.78 21.68
CA ALA B 375 1.75 29.98 21.11
C ALA B 375 1.54 31.42 20.64
N LYS B 376 1.98 32.40 21.46
CA LYS B 376 1.83 33.83 21.14
C LYS B 376 2.52 34.19 19.82
N SER B 377 3.80 33.78 19.65
CA SER B 377 4.56 34.07 18.43
C SER B 377 3.93 33.45 17.18
N GLU B 378 3.39 32.21 17.30
CA GLU B 378 2.69 31.57 16.18
C GLU B 378 1.38 32.28 15.87
N TYR B 379 0.62 32.69 16.91
CA TYR B 379 -0.63 33.42 16.76
C TYR B 379 -0.41 34.73 16.00
N GLU B 380 0.60 35.52 16.42
CA GLU B 380 0.89 36.82 15.80
C GLU B 380 1.45 36.66 14.39
N ALA B 381 2.23 35.57 14.15
CA ALA B 381 2.78 35.30 12.81
C ALA B 381 1.66 34.98 11.81
N GLY B 382 0.63 34.28 12.26
CA GLY B 382 -0.53 33.96 11.44
C GLY B 382 -1.37 35.18 11.11
N VAL B 383 -1.58 36.07 12.12
CA VAL B 383 -2.36 37.31 11.93
C VAL B 383 -1.62 38.26 10.98
N ARG B 384 -0.27 38.40 11.16
CA ARG B 384 0.55 39.27 10.29
C ARG B 384 0.59 38.77 8.85
N ALA B 385 0.59 37.44 8.64
CA ALA B 385 0.56 36.85 7.30
C ALA B 385 -0.80 37.09 6.63
N SER B 386 -1.89 37.16 7.44
CA SER B 386 -3.24 37.40 6.94
C SER B 386 -3.44 38.85 6.53
N PHE B 387 -2.91 39.80 7.34
CA PHE B 387 -2.96 41.22 7.00
C PHE B 387 -2.11 41.52 5.77
N ALA B 388 -1.01 40.74 5.58
CA ALA B 388 -0.19 40.84 4.37
C ALA B 388 -0.96 40.33 3.16
N THR B 389 -1.70 39.22 3.34
CA THR B 389 -2.55 38.63 2.30
C THR B 389 -3.65 39.64 1.85
N TRP B 390 -4.22 40.41 2.80
CA TRP B 390 -5.30 41.33 2.51
C TRP B 390 -4.82 42.78 2.32
N GLY B 391 -3.50 42.97 2.24
CA GLY B 391 -2.90 44.28 1.98
C GLY B 391 -3.18 45.33 3.04
N VAL B 392 -3.19 44.89 4.32
CA VAL B 392 -3.41 45.82 5.45
C VAL B 392 -2.30 45.67 6.51
N THR B 393 -1.05 45.43 6.07
CA THR B 393 0.10 45.27 6.95
C THR B 393 0.35 46.51 7.83
N SER B 394 0.11 47.72 7.28
CA SER B 394 0.33 48.97 8.02
C SER B 394 -0.62 49.11 9.23
N GLU B 395 -1.61 48.20 9.35
CA GLU B 395 -2.60 48.26 10.44
C GLU B 395 -2.39 47.12 11.47
N VAL B 396 -1.57 46.10 11.12
CA VAL B 396 -1.42 44.89 11.95
C VAL B 396 -0.75 45.14 13.34
N ASP B 397 0.13 46.17 13.44
CA ASP B 397 0.79 46.49 14.70
C ASP B 397 -0.20 47.03 15.75
N ASP B 398 -1.04 48.00 15.36
CA ASP B 398 -2.06 48.57 16.25
C ASP B 398 -3.17 47.56 16.54
N TYR B 399 -3.48 46.69 15.55
CA TYR B 399 -4.50 45.64 15.69
C TYR B 399 -4.10 44.66 16.81
N LEU B 400 -2.87 44.12 16.76
CA LEU B 400 -2.39 43.10 17.71
C LEU B 400 -2.18 43.64 19.14
N THR B 401 -2.03 44.98 19.30
CA THR B 401 -1.82 45.57 20.63
C THR B 401 -3.13 46.11 21.24
N SER B 402 -4.26 45.96 20.51
CA SER B 402 -5.55 46.49 20.96
C SER B 402 -6.31 45.52 21.88
N THR B 403 -6.96 46.06 22.93
CA THR B 403 -7.76 45.27 23.87
C THR B 403 -9.27 45.37 23.53
N GLU B 404 -9.61 46.05 22.42
CA GLU B 404 -11.00 46.19 21.97
C GLU B 404 -11.59 44.83 21.64
N LYS B 405 -12.72 44.49 22.27
CA LYS B 405 -13.34 43.18 22.09
C LYS B 405 -14.37 43.22 21.00
N ASN B 406 -14.46 42.14 20.19
CA ASN B 406 -15.55 42.01 19.22
C ASN B 406 -16.86 41.68 19.96
N GLU B 407 -17.96 41.46 19.22
CA GLU B 407 -19.25 41.21 19.86
C GLU B 407 -19.37 39.79 20.43
N ALA B 408 -18.30 38.98 20.27
CA ALA B 408 -18.21 37.67 20.92
C ALA B 408 -17.41 37.79 22.24
N GLY B 409 -16.81 38.97 22.47
CA GLY B 409 -16.03 39.24 23.66
C GLY B 409 -14.54 39.00 23.47
N THR B 410 -14.13 38.69 22.24
CA THR B 410 -12.74 38.36 21.93
C THR B 410 -11.96 39.59 21.50
N SER B 411 -10.76 39.80 22.09
CA SER B 411 -9.86 40.88 21.67
C SER B 411 -8.69 40.30 20.86
N ALA B 412 -8.02 41.13 20.05
CA ALA B 412 -6.90 40.67 19.21
C ALA B 412 -5.61 40.46 20.02
N ARG B 413 -5.41 41.28 21.10
CA ARG B 413 -4.21 41.19 21.95
C ARG B 413 -4.15 39.81 22.64
N TYR B 414 -3.12 39.00 22.30
CA TYR B 414 -3.02 37.61 22.79
C TYR B 414 -2.93 37.50 24.31
N ASP B 415 -2.19 38.43 24.96
CA ASP B 415 -2.00 38.40 26.42
C ASP B 415 -3.27 38.80 27.20
N ASP B 416 -4.18 39.54 26.54
CA ASP B 416 -5.45 39.93 27.16
C ASP B 416 -6.47 38.78 27.08
N GLN B 417 -6.37 37.82 28.01
CA GLN B 417 -7.23 36.63 28.01
C GLN B 417 -8.32 36.70 29.10
N GLN B 418 -8.73 37.92 29.49
CA GLN B 418 -9.75 38.11 30.51
C GLN B 418 -11.11 38.44 29.90
N GLY B 419 -12.17 37.85 30.45
CA GLY B 419 -13.53 38.08 29.99
C GLY B 419 -14.14 36.91 29.24
N ALA B 420 -15.49 36.88 29.16
CA ALA B 420 -16.21 35.80 28.47
C ALA B 420 -15.96 35.84 26.96
N GLY B 421 -15.52 34.71 26.41
CA GLY B 421 -15.23 34.59 24.98
C GLY B 421 -13.82 35.05 24.61
N ASN B 422 -12.97 35.30 25.63
CA ASN B 422 -11.64 35.88 25.40
C ASN B 422 -10.47 34.91 25.76
N THR B 423 -10.72 33.57 25.69
CA THR B 423 -9.64 32.58 25.97
C THR B 423 -8.61 32.57 24.84
N ALA B 424 -7.40 32.02 25.11
CA ALA B 424 -6.33 31.93 24.11
C ALA B 424 -6.77 31.12 22.88
N LEU B 425 -7.49 29.99 23.09
CA LEU B 425 -7.97 29.14 21.98
C LEU B 425 -9.02 29.88 21.14
N GLU B 426 -9.91 30.67 21.79
CA GLU B 426 -10.93 31.43 21.09
C GLU B 426 -10.31 32.50 20.19
N LYS B 427 -9.20 33.14 20.64
CA LYS B 427 -8.46 34.12 19.83
C LYS B 427 -7.89 33.46 18.58
N ILE B 428 -7.21 32.29 18.76
CA ILE B 428 -6.59 31.57 17.65
C ILE B 428 -7.61 31.18 16.59
N ILE B 429 -8.74 30.58 17.01
CA ILE B 429 -9.77 30.14 16.06
C ILE B 429 -10.49 31.32 15.40
N THR B 430 -10.73 32.42 16.15
CA THR B 430 -11.32 33.64 15.57
C THR B 430 -10.42 34.18 14.45
N GLN B 431 -9.09 34.25 14.71
CA GLN B 431 -8.14 34.75 13.73
C GLN B 431 -7.91 33.76 12.60
N LYS B 432 -7.99 32.44 12.91
CA LYS B 432 -7.85 31.40 11.89
C LYS B 432 -9.06 31.41 10.94
N TYR B 433 -10.27 31.65 11.50
CA TYR B 433 -11.51 31.71 10.73
C TYR B 433 -11.47 32.90 9.75
N ILE B 434 -11.21 34.14 10.26
CA ILE B 434 -11.15 35.36 9.43
C ILE B 434 -10.09 35.22 8.32
N ALA B 435 -8.93 34.60 8.66
CA ALA B 435 -7.85 34.39 7.68
C ALA B 435 -8.24 33.37 6.59
N GLY B 436 -9.32 32.62 6.83
CA GLY B 436 -9.79 31.59 5.89
C GLY B 436 -11.00 31.98 5.07
N ILE B 437 -11.52 33.21 5.29
CA ILE B 437 -12.72 33.67 4.56
C ILE B 437 -12.37 34.06 3.10
N PRO B 438 -13.04 33.47 2.08
CA PRO B 438 -14.12 32.47 2.17
C PRO B 438 -13.68 31.07 1.67
N ASP B 439 -12.50 30.97 0.99
CA ASP B 439 -12.07 29.74 0.30
C ASP B 439 -11.77 28.57 1.24
N LEU B 440 -11.51 28.85 2.53
CA LEU B 440 -11.24 27.78 3.52
C LEU B 440 -12.50 27.46 4.34
N ALA B 441 -13.70 27.59 3.72
CA ALA B 441 -14.99 27.34 4.41
C ALA B 441 -15.12 25.90 4.92
N GLN B 442 -14.44 24.94 4.27
CA GLN B 442 -14.45 23.55 4.73
C GLN B 442 -13.69 23.44 6.05
N GLU B 443 -12.58 24.17 6.17
CA GLU B 443 -11.80 24.21 7.42
C GLU B 443 -12.52 25.01 8.49
N GLY B 444 -13.30 26.00 8.06
CA GLY B 444 -14.17 26.76 8.95
C GLY B 444 -15.27 25.90 9.54
N TRP B 445 -15.87 25.03 8.70
CA TRP B 445 -16.91 24.09 9.14
C TRP B 445 -16.29 22.96 9.99
N ASN B 446 -15.06 22.52 9.64
CA ASN B 446 -14.33 21.49 10.40
C ASN B 446 -14.05 21.94 11.84
N ASP B 447 -13.50 23.19 12.01
CA ASP B 447 -13.17 23.72 13.34
C ASP B 447 -14.42 24.05 14.16
N LYS B 448 -15.55 24.37 13.47
CA LYS B 448 -16.83 24.63 14.14
C LYS B 448 -17.41 23.33 14.70
N ARG B 449 -17.16 22.22 14.02
CA ARG B 449 -17.62 20.91 14.49
C ARG B 449 -16.68 20.34 15.52
N ARG B 450 -15.39 20.65 15.39
CA ARG B 450 -14.37 20.09 16.26
C ARG B 450 -14.30 20.83 17.63
N LEU B 451 -14.45 22.17 17.62
CA LEU B 451 -14.28 22.96 18.85
C LEU B 451 -15.51 23.86 19.15
N ASN B 452 -16.53 23.86 18.26
CA ASN B 452 -17.68 24.79 18.34
C ASN B 452 -17.20 26.26 18.25
N LEU B 453 -16.04 26.46 17.59
CA LEU B 453 -15.45 27.77 17.45
C LEU B 453 -15.32 28.18 15.98
N PRO B 454 -15.42 29.48 15.66
CA PRO B 454 -15.69 30.60 16.58
C PRO B 454 -17.16 30.69 16.96
N ARG B 455 -17.53 31.68 17.78
CA ARG B 455 -18.91 31.91 18.15
C ARG B 455 -19.73 32.25 16.90
N LEU B 456 -20.79 31.49 16.64
CA LEU B 456 -21.69 31.77 15.53
C LEU B 456 -23.12 31.84 16.04
N ASP B 457 -23.97 32.65 15.39
CA ASP B 457 -25.40 32.70 15.73
C ASP B 457 -26.05 31.41 15.32
N VAL B 458 -26.99 30.92 16.12
CA VAL B 458 -27.77 29.75 15.75
C VAL B 458 -28.78 30.16 14.68
N ALA B 459 -28.95 29.32 13.64
CA ALA B 459 -29.89 29.62 12.53
C ALA B 459 -31.30 29.86 13.07
N VAL B 460 -32.00 30.88 12.51
CA VAL B 460 -33.36 31.23 12.93
C VAL B 460 -34.29 30.02 12.80
N TYR B 461 -34.27 29.34 11.65
CA TYR B 461 -35.05 28.13 11.44
C TYR B 461 -34.17 26.99 10.94
N ARG B 462 -34.35 25.80 11.52
CA ARG B 462 -33.64 24.60 11.09
C ARG B 462 -34.62 23.45 10.90
N ASP B 463 -34.27 22.48 10.02
CA ASP B 463 -35.12 21.31 9.73
C ASP B 463 -35.81 20.79 11.01
N GLN B 464 -37.14 21.07 11.16
CA GLN B 464 -37.88 20.72 12.38
C GLN B 464 -38.00 19.19 12.61
N ALA B 465 -37.75 18.39 11.54
CA ALA B 465 -37.75 16.93 11.66
C ALA B 465 -36.43 16.46 12.29
N VAL B 466 -35.44 17.37 12.40
CA VAL B 466 -34.13 17.04 12.94
C VAL B 466 -33.78 17.92 14.16
N TYR B 467 -34.25 19.18 14.17
CA TYR B 467 -33.86 20.15 15.19
C TYR B 467 -35.02 20.69 16.00
N ASN B 468 -34.77 21.03 17.27
CA ASN B 468 -35.71 21.73 18.13
C ASN B 468 -35.43 23.24 18.04
N ASN B 469 -36.32 23.99 17.34
CA ASN B 469 -36.11 25.41 17.06
C ASN B 469 -36.08 26.29 18.33
N ASN B 470 -36.64 25.79 19.45
CA ASN B 470 -36.61 26.53 20.72
C ASN B 470 -35.21 26.51 21.35
N ASP B 471 -34.37 25.54 20.93
CA ASP B 471 -33.00 25.42 21.44
C ASP B 471 -32.03 26.26 20.58
N LYS B 472 -31.68 27.47 21.04
CA LYS B 472 -30.76 28.35 20.30
C LYS B 472 -29.51 28.67 21.14
N ASP B 473 -29.11 27.73 22.04
CA ASP B 473 -27.91 27.91 22.86
C ASP B 473 -26.65 27.83 21.99
N ILE B 474 -25.89 28.94 21.92
CA ILE B 474 -24.67 29.03 21.09
C ILE B 474 -23.56 28.11 21.62
N LEU B 475 -23.65 27.71 22.89
CA LEU B 475 -22.63 26.86 23.53
C LEU B 475 -22.87 25.38 23.23
N LYS B 476 -24.02 25.05 22.61
CA LYS B 476 -24.33 23.67 22.23
C LYS B 476 -23.93 23.41 20.78
N SER B 477 -22.88 22.59 20.57
CA SER B 477 -22.36 22.28 19.22
C SER B 477 -23.41 21.51 18.39
N ALA B 478 -24.39 20.86 19.06
CA ALA B 478 -25.45 20.10 18.38
C ALA B 478 -26.49 21.02 17.70
N ASN B 479 -26.40 22.35 17.95
CA ASN B 479 -27.28 23.32 17.28
C ASN B 479 -26.76 23.70 15.89
N PHE B 480 -25.56 23.21 15.55
CA PHE B 480 -24.93 23.47 14.26
C PHE B 480 -24.75 22.18 13.47
N ILE B 481 -25.01 22.23 12.14
CA ILE B 481 -24.97 21.04 11.28
C ILE B 481 -23.67 20.22 11.47
N LYS B 482 -23.80 18.89 11.60
CA LYS B 482 -22.66 18.00 11.87
C LYS B 482 -22.11 17.40 10.59
N ARG B 483 -22.98 17.13 9.60
CA ARG B 483 -22.56 16.48 8.35
C ARG B 483 -23.60 16.66 7.26
N ARG B 485 -25.87 14.60 4.38
CA ARG B 485 -26.42 13.25 4.23
C ARG B 485 -25.82 12.54 3.04
N TYR B 486 -25.77 11.20 3.08
CA TYR B 486 -25.38 10.40 1.93
C TYR B 486 -26.43 10.56 0.83
N PRO B 487 -26.06 10.35 -0.47
CA PRO B 487 -27.09 10.30 -1.51
C PRO B 487 -28.05 9.13 -1.26
N THR B 488 -29.37 9.36 -1.36
CA THR B 488 -30.36 8.30 -1.08
C THR B 488 -30.22 7.10 -2.04
N LYS B 489 -29.71 7.34 -3.27
CA LYS B 489 -29.51 6.25 -4.24
C LYS B 489 -28.52 5.19 -3.71
N GLU B 490 -27.64 5.58 -2.76
CA GLU B 490 -26.71 4.63 -2.12
C GLU B 490 -27.46 3.59 -1.29
N SER B 491 -28.67 3.95 -0.76
CA SER B 491 -29.47 3.02 0.04
C SER B 491 -30.27 2.06 -0.85
N LEU B 492 -30.29 2.32 -2.17
CA LEU B 492 -31.08 1.52 -3.10
C LEU B 492 -30.20 0.63 -4.01
N ILE B 493 -29.13 1.20 -4.60
CA ILE B 493 -28.28 0.45 -5.53
C ILE B 493 -26.93 0.01 -4.88
N ASN B 494 -26.70 0.42 -3.62
CA ASN B 494 -25.49 0.05 -2.89
C ASN B 494 -25.85 -0.22 -1.40
N ALA B 495 -27.00 -0.92 -1.16
CA ALA B 495 -27.59 -1.11 0.17
C ALA B 495 -26.62 -1.70 1.20
N THR B 496 -25.94 -2.83 0.86
CA THR B 496 -25.02 -3.50 1.79
C THR B 496 -23.95 -2.54 2.33
N GLU B 497 -23.28 -1.79 1.44
CA GLU B 497 -22.23 -0.86 1.84
C GLU B 497 -22.81 0.40 2.52
N TYR B 498 -24.03 0.82 2.12
CA TYR B 498 -24.70 1.97 2.73
C TYR B 498 -25.03 1.71 4.19
N GLU B 499 -25.54 0.49 4.51
CA GLU B 499 -25.84 0.10 5.90
C GLU B 499 -24.58 0.02 6.75
N LYS B 500 -23.44 -0.38 6.13
CA LYS B 500 -22.15 -0.41 6.82
C LYS B 500 -21.71 1.01 7.21
N GLY B 501 -21.91 1.97 6.29
CA GLY B 501 -21.61 3.37 6.54
C GLY B 501 -22.53 3.98 7.57
N LYS B 502 -23.81 3.58 7.54
CA LYS B 502 -24.81 4.03 8.52
C LYS B 502 -24.46 3.50 9.92
N SER B 503 -23.99 2.22 10.00
CA SER B 503 -23.57 1.62 11.27
C SER B 503 -22.32 2.30 11.84
N LEU B 505 -21.47 5.46 11.32
CA LEU B 505 -21.93 6.77 11.83
C LEU B 505 -22.50 6.63 13.24
N GLY B 506 -23.31 5.60 13.46
CA GLY B 506 -23.97 5.37 14.73
C GLY B 506 -25.04 6.39 15.03
N GLY B 507 -25.53 6.38 16.27
CA GLY B 507 -26.56 7.32 16.71
C GLY B 507 -27.87 7.18 15.95
N LYS B 508 -28.39 8.31 15.43
CA LYS B 508 -29.66 8.30 14.68
C LYS B 508 -29.45 7.92 13.20
N GLY B 509 -28.18 7.79 12.79
CA GLY B 509 -27.82 7.28 11.48
C GLY B 509 -27.51 8.35 10.45
N ASP B 510 -27.98 8.15 9.21
CA ASP B 510 -27.70 9.04 8.09
C ASP B 510 -28.58 10.31 8.12
N ILE B 511 -28.30 11.21 9.08
CA ILE B 511 -28.96 12.53 9.15
C ILE B 511 -27.91 13.62 9.43
N VAL B 512 -28.30 14.91 9.29
CA VAL B 512 -27.35 16.04 9.39
C VAL B 512 -26.84 16.27 10.82
N SER B 513 -27.52 15.73 11.84
CA SER B 513 -27.17 16.00 13.24
C SER B 513 -26.26 14.93 13.86
N THR B 514 -25.90 13.88 13.08
CA THR B 514 -25.01 12.82 13.59
C THR B 514 -23.55 13.30 13.58
N PRO B 515 -22.90 13.41 14.77
CA PRO B 515 -21.50 13.87 14.81
C PRO B 515 -20.55 12.85 14.20
N LEU B 516 -19.57 13.32 13.44
CA LEU B 516 -18.59 12.44 12.80
C LEU B 516 -17.59 11.89 13.82
N TRP B 517 -16.78 10.90 13.40
CA TRP B 517 -15.80 10.23 14.27
C TRP B 517 -14.93 11.22 15.06
N TRP B 518 -14.33 12.22 14.38
CA TRP B 518 -13.46 13.20 15.03
C TRP B 518 -14.25 14.29 15.80
N ASP B 519 -15.61 14.26 15.69
CA ASP B 519 -16.47 15.25 16.34
C ASP B 519 -17.06 14.67 17.65
N LYS B 520 -16.63 15.19 18.81
CA LYS B 520 -17.13 14.74 20.11
C LYS B 520 -18.11 15.77 20.70
N ASN B 521 -18.61 16.72 19.84
CA ASN B 521 -19.46 17.83 20.28
C ASN B 521 -18.79 18.65 21.38
N SER B 522 -17.43 18.77 21.30
CA SER B 522 -16.66 19.56 22.27
C SER B 522 -16.96 21.03 22.12
N ASN B 523 -17.23 21.71 23.24
CA ASN B 523 -17.46 23.13 23.21
C ASN B 523 -16.34 23.87 23.89
N TYR B 524 -15.69 24.77 23.15
CA TYR B 524 -14.65 25.63 23.72
C TYR B 524 -15.04 27.10 23.64
N CYS B 525 -16.32 27.37 23.31
CA CYS B 525 -16.86 28.73 23.30
C CYS B 525 -17.29 29.12 24.70
N THR B 526 -16.78 30.26 25.20
CA THR B 526 -17.12 30.74 26.54
C THR B 526 -17.86 32.10 26.47
N SER B 527 -18.37 32.46 25.27
CA SER B 527 -19.12 33.72 25.08
C SER B 527 -20.39 33.73 25.93
N SER B 528 -20.67 34.86 26.59
CA SER B 528 -21.83 35.01 27.46
C SER B 528 -23.12 35.23 26.64
N LYS B 529 -22.99 35.82 25.43
CA LYS B 529 -24.15 36.10 24.56
C LYS B 529 -23.88 35.68 23.11
#